data_2RO3
#
_entry.id   2RO3
#
_entity_poly.entity_id   1
_entity_poly.type   'polypeptide(L)'
_entity_poly.pdbx_seq_one_letter_code
;MKSIGVVRKVDELGRIVMPIELRRALDIAIKDSIEFFVDGDKIILKKYKPHGVC
;
_entity_poly.pdbx_strand_id   A,B
#
# COMPACT_ATOMS: atom_id res chain seq x y z
N MET A 1 5.33 11.31 -8.34
CA MET A 1 5.23 10.34 -9.45
C MET A 1 6.22 9.21 -9.25
N LYS A 2 5.73 8.08 -8.77
CA LYS A 2 6.54 6.89 -8.55
C LYS A 2 6.39 5.91 -9.72
N SER A 3 6.77 4.65 -9.51
CA SER A 3 6.65 3.61 -10.54
C SER A 3 5.23 3.52 -11.06
N ILE A 4 4.26 3.61 -10.16
CA ILE A 4 2.87 3.66 -10.56
C ILE A 4 2.49 5.12 -10.75
N GLY A 5 3.12 5.97 -9.94
CA GLY A 5 2.91 7.39 -10.01
C GLY A 5 1.50 7.78 -9.68
N VAL A 6 0.90 7.06 -8.76
CA VAL A 6 -0.45 7.36 -8.34
C VAL A 6 -0.51 7.61 -6.85
N VAL A 7 -1.31 8.59 -6.47
CA VAL A 7 -1.47 8.97 -5.09
C VAL A 7 -2.94 8.85 -4.71
N ARG A 8 -3.19 8.44 -3.49
CA ARG A 8 -4.53 8.26 -3.00
C ARG A 8 -4.74 9.13 -1.78
N LYS A 9 -5.95 9.60 -1.61
CA LYS A 9 -6.32 10.28 -0.39
C LYS A 9 -7.15 9.34 0.46
N VAL A 10 -6.72 9.16 1.69
CA VAL A 10 -7.33 8.21 2.62
C VAL A 10 -8.84 8.45 2.77
N ASP A 11 -9.57 7.35 2.89
CA ASP A 11 -10.99 7.37 3.21
C ASP A 11 -11.23 8.15 4.48
N GLU A 12 -10.62 7.66 5.55
CA GLU A 12 -10.77 8.24 6.87
C GLU A 12 -10.05 7.37 7.87
N LEU A 13 -10.34 6.09 7.78
CA LEU A 13 -9.73 5.08 8.62
C LEU A 13 -8.31 4.80 8.18
N GLY A 14 -8.04 5.08 6.91
CA GLY A 14 -6.78 4.71 6.30
C GLY A 14 -7.00 3.86 5.07
N ARG A 15 -8.28 3.65 4.73
CA ARG A 15 -8.63 2.86 3.57
C ARG A 15 -8.37 3.67 2.29
N ILE A 16 -7.66 3.09 1.35
CA ILE A 16 -7.38 3.76 0.08
C ILE A 16 -7.60 2.77 -1.07
N VAL A 17 -7.37 3.22 -2.29
CA VAL A 17 -7.65 2.39 -3.45
C VAL A 17 -6.35 2.03 -4.18
N MET A 18 -5.98 0.77 -4.11
CA MET A 18 -4.81 0.29 -4.82
C MET A 18 -5.21 -0.02 -6.25
N PRO A 19 -4.32 0.21 -7.23
CA PRO A 19 -4.69 0.17 -8.63
C PRO A 19 -4.58 -1.20 -9.27
N ILE A 20 -5.18 -1.31 -10.45
CA ILE A 20 -5.07 -2.50 -11.28
C ILE A 20 -3.62 -2.90 -11.46
N GLU A 21 -2.74 -1.91 -11.53
CA GLU A 21 -1.30 -2.13 -11.67
C GLU A 21 -0.80 -3.04 -10.56
N LEU A 22 -1.32 -2.82 -9.37
CA LEU A 22 -0.95 -3.60 -8.21
C LEU A 22 -1.45 -5.02 -8.38
N ARG A 23 -2.69 -5.12 -8.83
CA ARG A 23 -3.30 -6.44 -9.05
C ARG A 23 -2.55 -7.22 -10.12
N ARG A 24 -2.25 -6.54 -11.23
CA ARG A 24 -1.48 -7.10 -12.34
C ARG A 24 -0.09 -7.52 -11.88
N ALA A 25 0.62 -6.58 -11.26
CA ALA A 25 1.97 -6.83 -10.78
C ALA A 25 2.03 -8.02 -9.85
N LEU A 26 1.03 -8.09 -8.97
CA LEU A 26 1.00 -9.11 -7.94
C LEU A 26 0.23 -10.35 -8.39
N ASP A 27 -1.04 -10.39 -8.02
CA ASP A 27 -1.89 -11.57 -8.17
C ASP A 27 -3.22 -11.28 -7.49
N ILE A 28 -3.79 -10.14 -7.80
CA ILE A 28 -5.03 -9.72 -7.15
C ILE A 28 -6.21 -9.90 -8.10
N ALA A 29 -7.32 -10.37 -7.55
CA ALA A 29 -8.49 -10.65 -8.35
C ALA A 29 -9.68 -9.84 -7.88
N ILE A 30 -10.06 -10.00 -6.62
CA ILE A 30 -11.22 -9.31 -6.09
C ILE A 30 -11.12 -9.20 -4.57
N LYS A 31 -10.57 -10.22 -3.93
CA LYS A 31 -10.38 -10.21 -2.48
C LYS A 31 -8.94 -10.55 -2.12
N ASP A 32 -8.36 -11.48 -2.90
CA ASP A 32 -6.92 -11.80 -2.83
C ASP A 32 -6.34 -11.78 -1.41
N SER A 33 -5.37 -10.88 -1.15
CA SER A 33 -4.56 -10.84 0.08
C SER A 33 -3.37 -9.90 -0.11
N ILE A 34 -3.32 -8.79 0.62
CA ILE A 34 -2.16 -7.90 0.55
C ILE A 34 -1.63 -7.62 1.95
N GLU A 35 -0.36 -7.96 2.18
CA GLU A 35 0.24 -7.77 3.50
C GLU A 35 1.33 -6.72 3.39
N PHE A 36 1.37 -5.80 4.35
CA PHE A 36 2.24 -4.63 4.22
C PHE A 36 3.40 -4.63 5.21
N PHE A 37 4.48 -3.99 4.78
CA PHE A 37 5.66 -3.74 5.57
C PHE A 37 5.77 -2.25 5.79
N VAL A 38 6.40 -1.84 6.84
CA VAL A 38 6.67 -0.43 7.03
C VAL A 38 8.13 -0.22 7.41
N ASP A 39 8.79 0.57 6.59
CA ASP A 39 10.21 0.79 6.71
C ASP A 39 10.48 2.26 6.96
N GLY A 40 10.59 2.61 8.24
CA GLY A 40 10.84 3.99 8.60
C GLY A 40 9.71 4.93 8.20
N ASP A 41 9.78 5.42 6.97
CA ASP A 41 8.80 6.33 6.44
C ASP A 41 8.30 5.81 5.10
N LYS A 42 8.33 4.49 4.97
CA LYS A 42 7.89 3.84 3.75
C LYS A 42 7.00 2.64 4.05
N ILE A 43 6.17 2.27 3.09
CA ILE A 43 5.31 1.10 3.21
C ILE A 43 5.56 0.14 2.06
N ILE A 44 5.42 -1.15 2.32
CA ILE A 44 5.67 -2.19 1.33
C ILE A 44 4.45 -3.11 1.23
N LEU A 45 4.09 -3.57 0.04
CA LEU A 45 2.93 -4.44 -0.09
C LEU A 45 3.29 -5.71 -0.85
N LYS A 46 2.69 -6.82 -0.42
CA LYS A 46 2.86 -8.10 -1.10
C LYS A 46 1.54 -8.86 -1.11
N LYS A 47 1.38 -9.75 -2.06
CA LYS A 47 0.26 -10.69 -2.02
C LYS A 47 0.63 -11.80 -1.04
N TYR A 48 -0.31 -12.22 -0.19
CA TYR A 48 0.03 -13.10 0.93
C TYR A 48 0.49 -14.48 0.48
N LYS A 49 -0.31 -15.09 -0.38
CA LYS A 49 -0.04 -16.46 -0.84
C LYS A 49 1.38 -16.60 -1.44
N PRO A 50 1.76 -15.79 -2.45
CA PRO A 50 3.14 -15.76 -2.96
C PRO A 50 4.11 -15.32 -1.87
N HIS A 51 5.37 -15.71 -2.01
CA HIS A 51 6.41 -15.43 -1.02
C HIS A 51 6.24 -16.30 0.22
N GLY A 52 5.07 -16.24 0.84
CA GLY A 52 4.84 -16.99 2.07
C GLY A 52 5.51 -16.34 3.25
N VAL A 53 6.84 -16.34 3.21
CA VAL A 53 7.67 -15.70 4.21
C VAL A 53 7.37 -14.20 4.28
N CYS A 54 7.72 -13.60 5.41
CA CYS A 54 7.48 -12.19 5.69
C CYS A 54 7.74 -11.32 4.45
N MET B 1 3.36 -12.34 7.88
CA MET B 1 3.64 -11.32 8.91
C MET B 1 4.87 -10.48 8.56
N LYS B 2 4.63 -9.28 8.07
CA LYS B 2 5.71 -8.34 7.76
C LYS B 2 5.95 -7.41 8.95
N SER B 3 6.54 -6.24 8.68
CA SER B 3 6.77 -5.23 9.71
C SER B 3 5.48 -4.88 10.44
N ILE B 4 4.43 -4.61 9.67
CA ILE B 4 3.10 -4.43 10.25
C ILE B 4 2.49 -5.80 10.43
N GLY B 5 2.73 -6.65 9.43
CA GLY B 5 2.27 -8.02 9.48
C GLY B 5 0.76 -8.12 9.40
N VAL B 6 0.16 -7.20 8.67
CA VAL B 6 -1.27 -7.21 8.46
C VAL B 6 -1.58 -7.41 6.98
N VAL B 7 -2.61 -8.18 6.71
CA VAL B 7 -3.00 -8.48 5.35
C VAL B 7 -4.42 -8.01 5.10
N ARG B 8 -4.66 -7.49 3.91
CA ARG B 8 -5.96 -6.95 3.56
C ARG B 8 -6.54 -7.72 2.41
N LYS B 9 -7.85 -7.82 2.41
CA LYS B 9 -8.55 -8.38 1.29
C LYS B 9 -9.16 -7.25 0.49
N VAL B 10 -8.86 -7.23 -0.79
CA VAL B 10 -9.31 -6.17 -1.68
C VAL B 10 -10.84 -6.04 -1.64
N ASP B 11 -11.29 -4.78 -1.66
CA ASP B 11 -12.70 -4.47 -1.82
C ASP B 11 -13.26 -5.18 -3.04
N GLU B 12 -12.94 -4.64 -4.22
CA GLU B 12 -13.22 -5.26 -5.51
C GLU B 12 -12.33 -4.63 -6.56
N LEU B 13 -12.27 -3.31 -6.49
CA LEU B 13 -11.49 -2.49 -7.41
C LEU B 13 -10.00 -2.58 -7.09
N GLY B 14 -9.70 -2.98 -5.87
CA GLY B 14 -8.35 -2.92 -5.38
C GLY B 14 -8.25 -2.04 -4.16
N ARG B 15 -9.38 -1.53 -3.73
CA ARG B 15 -9.46 -0.68 -2.54
C ARG B 15 -9.23 -1.51 -1.29
N ILE B 16 -8.28 -1.14 -0.46
CA ILE B 16 -8.02 -1.87 0.78
C ILE B 16 -7.86 -0.88 1.94
N VAL B 17 -7.60 -1.40 3.13
CA VAL B 17 -7.54 -0.57 4.31
C VAL B 17 -6.12 -0.55 4.87
N MET B 18 -5.45 0.59 4.73
CA MET B 18 -4.11 0.77 5.28
C MET B 18 -4.25 1.16 6.73
N PRO B 19 -3.34 0.72 7.62
CA PRO B 19 -3.55 0.84 9.03
C PRO B 19 -3.03 2.13 9.65
N ILE B 20 -3.49 2.39 10.87
CA ILE B 20 -3.01 3.49 11.67
C ILE B 20 -1.48 3.50 11.72
N GLU B 21 -0.88 2.32 11.68
CA GLU B 21 0.57 2.18 11.67
C GLU B 21 1.17 2.98 10.52
N LEU B 22 0.49 2.96 9.40
CA LEU B 22 0.94 3.67 8.22
C LEU B 22 0.75 5.15 8.41
N ARG B 23 -0.35 5.51 9.07
CA ARG B 23 -0.66 6.90 9.34
C ARG B 23 0.37 7.49 10.30
N ARG B 24 0.65 6.75 11.36
CA ARG B 24 1.71 7.08 12.32
C ARG B 24 3.05 7.18 11.61
N ALA B 25 3.39 6.11 10.88
CA ALA B 25 4.65 6.03 10.16
C ALA B 25 4.91 7.26 9.30
N LEU B 26 3.95 7.61 8.48
CA LEU B 26 4.14 8.64 7.49
C LEU B 26 3.67 10.00 8.01
N ASP B 27 2.39 10.27 7.84
CA ASP B 27 1.78 11.57 8.10
C ASP B 27 0.36 11.55 7.58
N ILE B 28 -0.40 10.57 8.03
CA ILE B 28 -1.77 10.39 7.57
C ILE B 28 -2.75 10.89 8.62
N ALA B 29 -3.77 11.61 8.17
CA ALA B 29 -4.67 12.28 9.08
C ALA B 29 -6.14 11.95 8.81
N ILE B 30 -6.50 11.82 7.54
CA ILE B 30 -7.89 11.59 7.16
C ILE B 30 -8.01 11.54 5.64
N LYS B 31 -7.19 12.36 4.97
CA LYS B 31 -7.17 12.40 3.52
C LYS B 31 -5.72 12.34 3.04
N ASP B 32 -4.87 13.11 3.73
CA ASP B 32 -3.40 13.04 3.59
C ASP B 32 -2.94 12.86 2.14
N SER B 33 -2.35 11.70 1.83
CA SER B 33 -1.66 11.47 0.55
C SER B 33 -0.87 10.17 0.61
N ILE B 34 -1.15 9.23 -0.28
CA ILE B 34 -0.29 8.05 -0.40
C ILE B 34 0.00 7.76 -1.85
N GLU B 35 1.26 7.83 -2.22
CA GLU B 35 1.66 7.55 -3.60
C GLU B 35 2.46 6.26 -3.61
N PHE B 36 2.14 5.36 -4.54
CA PHE B 36 2.76 4.04 -4.50
C PHE B 36 3.71 3.77 -5.66
N PHE B 37 4.65 2.87 -5.37
CA PHE B 37 5.64 2.37 -6.31
C PHE B 37 5.42 0.88 -6.46
N VAL B 38 5.79 0.32 -7.58
CA VAL B 38 5.70 -1.11 -7.76
C VAL B 38 7.02 -1.67 -8.26
N ASP B 39 7.57 -2.58 -7.50
CA ASP B 39 8.87 -3.15 -7.79
C ASP B 39 8.74 -4.64 -8.06
N GLY B 40 8.61 -5.00 -9.32
CA GLY B 40 8.48 -6.39 -9.70
C GLY B 40 7.23 -7.05 -9.14
N ASP B 41 7.31 -7.52 -7.91
CA ASP B 41 6.21 -8.19 -7.23
C ASP B 41 5.95 -7.52 -5.90
N LYS B 42 6.35 -6.27 -5.80
CA LYS B 42 6.25 -5.54 -4.55
C LYS B 42 5.63 -4.17 -4.77
N ILE B 43 5.01 -3.64 -3.72
CA ILE B 43 4.44 -2.30 -3.76
C ILE B 43 5.09 -1.45 -2.66
N ILE B 44 5.24 -0.16 -2.93
CA ILE B 44 5.86 0.77 -1.99
C ILE B 44 4.96 1.98 -1.80
N LEU B 45 4.83 2.47 -0.57
CA LEU B 45 3.94 3.60 -0.31
C LEU B 45 4.66 4.74 0.37
N LYS B 46 4.29 5.96 0.02
CA LYS B 46 4.81 7.17 0.68
C LYS B 46 3.69 8.20 0.80
N LYS B 47 3.83 9.12 1.74
CA LYS B 47 2.98 10.29 1.76
C LYS B 47 3.56 11.29 0.76
N TYR B 48 2.70 11.94 0.00
CA TYR B 48 3.14 12.74 -1.15
C TYR B 48 3.91 13.97 -0.71
N LYS B 49 3.36 14.66 0.28
CA LYS B 49 3.96 15.88 0.82
C LYS B 49 5.45 15.70 1.18
N PRO B 50 5.82 14.75 2.08
CA PRO B 50 7.24 14.46 2.33
C PRO B 50 7.88 13.78 1.13
N HIS B 51 9.21 13.78 1.10
CA HIS B 51 9.98 13.29 -0.05
C HIS B 51 9.90 14.28 -1.20
N GLY B 52 8.68 14.50 -1.71
CA GLY B 52 8.51 15.33 -2.88
C GLY B 52 8.85 14.59 -4.14
N VAL B 53 10.12 14.25 -4.27
CA VAL B 53 10.63 13.45 -5.36
C VAL B 53 10.05 12.04 -5.30
N CYS B 54 10.09 11.36 -6.45
CA CYS B 54 9.56 10.00 -6.60
C CYS B 54 9.77 9.13 -5.36
N MET A 1 8.49 10.75 -10.29
CA MET A 1 7.32 10.09 -9.68
C MET A 1 7.54 8.59 -9.65
N LYS A 2 6.76 7.89 -8.85
CA LYS A 2 6.94 6.46 -8.68
C LYS A 2 6.53 5.67 -9.90
N SER A 3 6.75 4.35 -9.84
CA SER A 3 6.36 3.41 -10.88
C SER A 3 4.93 3.65 -11.33
N ILE A 4 4.03 3.65 -10.36
CA ILE A 4 2.64 3.90 -10.64
C ILE A 4 2.40 5.39 -10.65
N GLY A 5 3.16 6.09 -9.83
CA GLY A 5 3.08 7.55 -9.76
C GLY A 5 1.70 8.01 -9.38
N VAL A 6 1.02 7.21 -8.58
CA VAL A 6 -0.33 7.53 -8.17
C VAL A 6 -0.38 7.78 -6.67
N VAL A 7 -1.17 8.78 -6.30
CA VAL A 7 -1.32 9.16 -4.91
C VAL A 7 -2.79 9.08 -4.53
N ARG A 8 -3.04 8.56 -3.34
CA ARG A 8 -4.41 8.33 -2.88
C ARG A 8 -4.67 9.12 -1.63
N LYS A 9 -5.90 9.54 -1.46
CA LYS A 9 -6.32 10.17 -0.24
C LYS A 9 -7.14 9.17 0.57
N VAL A 10 -6.73 8.95 1.80
CA VAL A 10 -7.39 8.03 2.72
C VAL A 10 -8.86 8.38 2.87
N ASP A 11 -9.72 7.36 3.02
CA ASP A 11 -11.11 7.59 3.36
C ASP A 11 -11.21 8.29 4.69
N GLU A 12 -11.01 7.53 5.76
CA GLU A 12 -10.92 8.06 7.13
C GLU A 12 -10.08 7.11 7.97
N LEU A 13 -10.41 5.84 7.85
CA LEU A 13 -9.81 4.78 8.67
C LEU A 13 -8.39 4.44 8.22
N GLY A 14 -8.06 4.86 7.01
CA GLY A 14 -6.80 4.46 6.42
C GLY A 14 -7.01 3.71 5.12
N ARG A 15 -8.28 3.54 4.75
CA ARG A 15 -8.62 2.81 3.54
C ARG A 15 -8.33 3.66 2.31
N ILE A 16 -7.60 3.11 1.36
CA ILE A 16 -7.33 3.79 0.11
C ILE A 16 -7.52 2.80 -1.04
N VAL A 17 -7.30 3.24 -2.26
CA VAL A 17 -7.55 2.40 -3.42
C VAL A 17 -6.25 2.06 -4.13
N MET A 18 -5.89 0.80 -4.05
CA MET A 18 -4.71 0.31 -4.75
C MET A 18 -5.12 -0.02 -6.17
N PRO A 19 -4.25 0.22 -7.16
CA PRO A 19 -4.65 0.18 -8.55
C PRO A 19 -4.60 -1.23 -9.15
N ILE A 20 -5.19 -1.35 -10.33
CA ILE A 20 -5.12 -2.57 -11.11
C ILE A 20 -3.67 -3.01 -11.28
N GLU A 21 -2.78 -2.03 -11.34
CA GLU A 21 -1.35 -2.28 -11.46
C GLU A 21 -0.87 -3.16 -10.32
N LEU A 22 -1.44 -2.93 -9.15
CA LEU A 22 -1.07 -3.69 -7.98
C LEU A 22 -1.61 -5.10 -8.08
N ARG A 23 -2.86 -5.21 -8.53
CA ARG A 23 -3.48 -6.51 -8.70
C ARG A 23 -2.71 -7.35 -9.71
N ARG A 24 -2.40 -6.72 -10.84
CA ARG A 24 -1.61 -7.33 -11.90
C ARG A 24 -0.23 -7.72 -11.41
N ALA A 25 0.48 -6.76 -10.82
CA ALA A 25 1.81 -7.00 -10.29
C ALA A 25 1.83 -8.18 -9.33
N LEU A 26 0.81 -8.24 -8.50
CA LEU A 26 0.74 -9.25 -7.46
C LEU A 26 0.06 -10.53 -7.93
N ASP A 27 -1.26 -10.58 -7.80
CA ASP A 27 -2.01 -11.81 -8.02
C ASP A 27 -3.51 -11.57 -7.77
N ILE A 28 -3.88 -10.30 -7.58
CA ILE A 28 -5.22 -9.97 -7.09
C ILE A 28 -6.27 -10.10 -8.18
N ALA A 29 -7.38 -10.76 -7.87
CA ALA A 29 -8.50 -10.83 -8.78
C ALA A 29 -9.59 -9.87 -8.34
N ILE A 30 -10.02 -9.99 -7.09
CA ILE A 30 -11.10 -9.17 -6.59
C ILE A 30 -10.88 -8.83 -5.11
N LYS A 31 -10.27 -9.76 -4.38
CA LYS A 31 -9.92 -9.54 -2.97
C LYS A 31 -8.50 -9.99 -2.71
N ASP A 32 -8.19 -11.17 -3.23
CA ASP A 32 -6.86 -11.78 -3.13
C ASP A 32 -6.25 -11.73 -1.71
N SER A 33 -5.24 -10.86 -1.50
CA SER A 33 -4.43 -10.83 -0.26
C SER A 33 -3.31 -9.80 -0.42
N ILE A 34 -3.22 -8.81 0.45
CA ILE A 34 -2.09 -7.87 0.43
C ILE A 34 -1.55 -7.64 1.84
N GLU A 35 -0.28 -7.92 2.04
CA GLU A 35 0.35 -7.80 3.36
C GLU A 35 1.42 -6.69 3.32
N PHE A 36 1.45 -5.83 4.34
CA PHE A 36 2.30 -4.64 4.26
C PHE A 36 3.45 -4.63 5.28
N PHE A 37 4.52 -3.97 4.85
CA PHE A 37 5.72 -3.71 5.64
C PHE A 37 5.83 -2.21 5.82
N VAL A 38 6.56 -1.77 6.81
CA VAL A 38 6.83 -0.35 6.95
C VAL A 38 8.30 -0.08 7.22
N ASP A 39 8.89 0.76 6.38
CA ASP A 39 10.31 1.06 6.45
C ASP A 39 10.51 2.55 6.65
N GLY A 40 10.66 2.95 7.91
CA GLY A 40 10.86 4.35 8.24
C GLY A 40 9.65 5.21 7.90
N ASP A 41 9.63 5.71 6.68
CA ASP A 41 8.53 6.53 6.20
C ASP A 41 7.97 5.91 4.92
N LYS A 42 8.16 4.61 4.80
CA LYS A 42 7.75 3.88 3.62
C LYS A 42 6.86 2.70 3.99
N ILE A 43 6.02 2.28 3.06
CA ILE A 43 5.19 1.11 3.24
C ILE A 43 5.45 0.13 2.09
N ILE A 44 5.41 -1.14 2.38
CA ILE A 44 5.69 -2.16 1.38
C ILE A 44 4.52 -3.12 1.29
N LEU A 45 4.14 -3.53 0.10
CA LEU A 45 3.00 -4.42 -0.06
C LEU A 45 3.40 -5.64 -0.86
N LYS A 46 2.87 -6.78 -0.46
CA LYS A 46 3.05 -8.01 -1.21
C LYS A 46 1.88 -8.95 -0.93
N LYS A 47 1.46 -9.70 -1.93
CA LYS A 47 0.40 -10.67 -1.75
C LYS A 47 0.91 -11.78 -0.82
N TYR A 48 0.00 -12.42 -0.10
CA TYR A 48 0.40 -13.35 0.97
C TYR A 48 1.22 -14.50 0.41
N LYS A 49 0.72 -15.08 -0.67
CA LYS A 49 1.38 -16.18 -1.37
C LYS A 49 2.85 -15.85 -1.75
N PRO A 50 3.10 -14.79 -2.56
CA PRO A 50 4.48 -14.35 -2.85
C PRO A 50 5.28 -14.10 -1.57
N HIS A 51 6.51 -14.56 -1.55
CA HIS A 51 7.31 -14.54 -0.34
C HIS A 51 8.50 -13.61 -0.45
N GLY A 52 8.24 -12.32 -0.28
CA GLY A 52 9.31 -11.37 -0.13
C GLY A 52 9.68 -11.24 1.33
N VAL A 53 10.98 -11.07 1.61
CA VAL A 53 11.49 -11.13 2.98
C VAL A 53 10.63 -10.33 3.97
N CYS A 54 10.36 -10.94 5.10
CA CYS A 54 9.47 -10.36 6.10
C CYS A 54 10.24 -10.06 7.38
N MET B 1 6.22 -12.85 9.26
CA MET B 1 5.31 -11.71 9.04
C MET B 1 6.11 -10.42 8.86
N LYS B 2 5.51 -9.44 8.20
CA LYS B 2 6.19 -8.18 7.94
C LYS B 2 6.12 -7.27 9.17
N SER B 3 6.66 -6.06 9.02
CA SER B 3 6.63 -5.04 10.08
C SER B 3 5.26 -4.93 10.70
N ILE B 4 4.26 -4.70 9.86
CA ILE B 4 2.89 -4.61 10.31
C ILE B 4 2.33 -6.02 10.41
N GLY B 5 2.69 -6.83 9.41
CA GLY B 5 2.28 -8.22 9.38
C GLY B 5 0.79 -8.36 9.22
N VAL B 6 0.18 -7.41 8.54
CA VAL B 6 -1.25 -7.43 8.29
C VAL B 6 -1.52 -7.66 6.81
N VAL B 7 -2.53 -8.45 6.52
CA VAL B 7 -2.89 -8.76 5.15
C VAL B 7 -4.34 -8.37 4.89
N ARG B 8 -4.57 -7.70 3.79
CA ARG B 8 -5.87 -7.11 3.48
C ARG B 8 -6.49 -7.82 2.31
N LYS B 9 -7.81 -7.86 2.29
CA LYS B 9 -8.52 -8.36 1.14
C LYS B 9 -9.14 -7.20 0.39
N VAL B 10 -8.82 -7.11 -0.90
CA VAL B 10 -9.32 -6.03 -1.75
C VAL B 10 -10.84 -5.99 -1.74
N ASP B 11 -11.40 -4.80 -1.76
CA ASP B 11 -12.84 -4.63 -1.93
C ASP B 11 -13.27 -5.24 -3.26
N GLU B 12 -13.14 -4.46 -4.32
CA GLU B 12 -13.38 -4.95 -5.68
C GLU B 12 -12.45 -4.24 -6.66
N LEU B 13 -12.37 -2.92 -6.52
CA LEU B 13 -11.56 -2.08 -7.40
C LEU B 13 -10.07 -2.29 -7.14
N GLY B 14 -9.76 -2.65 -5.91
CA GLY B 14 -8.38 -2.67 -5.47
C GLY B 14 -8.23 -1.87 -4.19
N ARG B 15 -9.35 -1.37 -3.69
CA ARG B 15 -9.36 -0.58 -2.47
C ARG B 15 -9.17 -1.49 -1.26
N ILE B 16 -8.22 -1.14 -0.40
CA ILE B 16 -7.99 -1.88 0.82
C ILE B 16 -7.79 -0.90 1.97
N VAL B 17 -7.54 -1.42 3.16
CA VAL B 17 -7.45 -0.57 4.33
C VAL B 17 -6.03 -0.54 4.86
N MET B 18 -5.37 0.60 4.71
CA MET B 18 -4.03 0.77 5.24
C MET B 18 -4.16 1.19 6.70
N PRO B 19 -3.30 0.68 7.59
CA PRO B 19 -3.53 0.81 9.01
C PRO B 19 -3.04 2.12 9.60
N ILE B 20 -3.48 2.40 10.82
CA ILE B 20 -2.99 3.53 11.58
C ILE B 20 -1.46 3.56 11.58
N GLU B 21 -0.84 2.39 11.56
CA GLU B 21 0.61 2.27 11.48
C GLU B 21 1.15 3.09 10.32
N LEU B 22 0.42 3.05 9.21
CA LEU B 22 0.82 3.75 8.01
C LEU B 22 0.59 5.24 8.19
N ARG B 23 -0.52 5.57 8.83
CA ARG B 23 -0.84 6.96 9.13
C ARG B 23 0.26 7.58 10.00
N ARG B 24 0.57 6.89 11.09
CA ARG B 24 1.65 7.25 12.00
C ARG B 24 2.98 7.36 11.28
N ALA B 25 3.32 6.29 10.56
CA ALA B 25 4.55 6.23 9.78
C ALA B 25 4.74 7.48 8.91
N LEU B 26 3.70 7.80 8.16
CA LEU B 26 3.76 8.89 7.22
C LEU B 26 3.35 10.21 7.88
N ASP B 27 2.12 10.65 7.60
CA ASP B 27 1.61 11.92 8.12
C ASP B 27 0.09 11.89 8.17
N ILE B 28 -0.50 10.71 7.98
CA ILE B 28 -1.92 10.63 7.62
C ILE B 28 -2.81 11.14 8.74
N ALA B 29 -3.63 12.12 8.41
CA ALA B 29 -4.56 12.69 9.35
C ALA B 29 -5.94 12.10 9.15
N ILE B 30 -6.41 12.13 7.91
CA ILE B 30 -7.70 11.57 7.56
C ILE B 30 -7.72 11.17 6.08
N LYS B 31 -7.09 11.99 5.24
CA LYS B 31 -6.92 11.64 3.83
C LYS B 31 -5.44 11.71 3.45
N ASP B 32 -4.80 12.78 3.92
CA ASP B 32 -3.37 13.02 3.71
C ASP B 32 -2.93 12.86 2.25
N SER B 33 -2.22 11.77 1.93
CA SER B 33 -1.58 11.55 0.62
C SER B 33 -0.76 10.27 0.65
N ILE B 34 -1.04 9.31 -0.22
CA ILE B 34 -0.17 8.13 -0.33
C ILE B 34 0.12 7.81 -1.79
N GLU B 35 1.40 7.87 -2.17
CA GLU B 35 1.81 7.57 -3.53
C GLU B 35 2.52 6.22 -3.55
N PHE B 36 2.18 5.35 -4.52
CA PHE B 36 2.76 4.01 -4.53
C PHE B 36 3.66 3.71 -5.74
N PHE B 37 4.60 2.82 -5.48
CA PHE B 37 5.61 2.34 -6.42
C PHE B 37 5.46 0.83 -6.51
N VAL B 38 5.85 0.24 -7.62
CA VAL B 38 5.77 -1.20 -7.75
C VAL B 38 7.12 -1.78 -8.14
N ASP B 39 7.52 -2.82 -7.44
CA ASP B 39 8.84 -3.42 -7.62
C ASP B 39 8.71 -4.92 -7.82
N GLY B 40 8.65 -5.33 -9.10
CA GLY B 40 8.48 -6.74 -9.43
C GLY B 40 7.17 -7.30 -8.94
N ASP B 41 7.15 -7.76 -7.69
CA ASP B 41 5.96 -8.33 -7.07
C ASP B 41 5.73 -7.61 -5.76
N LYS B 42 6.22 -6.38 -5.69
CA LYS B 42 6.14 -5.59 -4.47
C LYS B 42 5.48 -4.24 -4.74
N ILE B 43 4.95 -3.63 -3.68
CA ILE B 43 4.37 -2.31 -3.74
C ILE B 43 5.02 -1.44 -2.67
N ILE B 44 5.20 -0.16 -2.96
CA ILE B 44 5.87 0.76 -2.04
C ILE B 44 5.04 2.01 -1.86
N LEU B 45 4.80 2.44 -0.63
CA LEU B 45 3.94 3.58 -0.35
C LEU B 45 4.72 4.67 0.34
N LYS B 46 4.37 5.91 0.05
CA LYS B 46 4.92 7.05 0.78
C LYS B 46 4.01 8.25 0.61
N LYS B 47 3.92 9.08 1.64
CA LYS B 47 3.13 10.29 1.58
C LYS B 47 3.75 11.22 0.54
N TYR B 48 2.94 12.06 -0.08
CA TYR B 48 3.40 12.92 -1.16
C TYR B 48 4.54 13.82 -0.70
N LYS B 49 4.36 14.41 0.49
CA LYS B 49 5.38 15.26 1.10
C LYS B 49 6.76 14.58 1.18
N PRO B 50 6.94 13.50 1.98
CA PRO B 50 8.26 12.84 2.10
C PRO B 50 8.76 12.34 0.76
N HIS B 51 10.00 12.66 0.45
CA HIS B 51 10.52 12.36 -0.87
C HIS B 51 11.50 11.19 -0.84
N GLY B 52 10.94 9.99 -0.85
CA GLY B 52 11.75 8.82 -1.16
C GLY B 52 12.06 8.82 -2.63
N VAL B 53 13.09 8.11 -3.04
CA VAL B 53 13.47 8.14 -4.45
C VAL B 53 12.36 7.57 -5.32
N CYS B 54 12.00 8.33 -6.34
CA CYS B 54 10.86 8.02 -7.20
C CYS B 54 11.11 8.58 -8.60
N MET A 1 5.01 10.37 -9.48
CA MET A 1 5.63 9.55 -10.55
C MET A 1 5.97 8.14 -10.05
N LYS A 2 6.97 8.04 -9.16
CA LYS A 2 7.38 6.75 -8.58
C LYS A 2 7.49 5.66 -9.63
N SER A 3 6.48 4.81 -9.68
CA SER A 3 6.39 3.82 -10.73
C SER A 3 4.97 3.80 -11.28
N ILE A 4 4.01 3.78 -10.37
CA ILE A 4 2.61 3.85 -10.74
C ILE A 4 2.20 5.31 -10.88
N GLY A 5 2.82 6.14 -10.06
CA GLY A 5 2.58 7.57 -10.10
C GLY A 5 1.22 7.94 -9.61
N VAL A 6 0.73 7.18 -8.66
CA VAL A 6 -0.59 7.41 -8.13
C VAL A 6 -0.52 7.68 -6.63
N VAL A 7 -1.30 8.67 -6.24
CA VAL A 7 -1.40 9.09 -4.86
C VAL A 7 -2.84 9.01 -4.41
N ARG A 8 -3.07 8.54 -3.20
CA ARG A 8 -4.41 8.32 -2.69
C ARG A 8 -4.63 9.15 -1.45
N LYS A 9 -5.87 9.56 -1.26
CA LYS A 9 -6.25 10.23 -0.05
C LYS A 9 -7.09 9.28 0.79
N VAL A 10 -6.62 9.02 1.99
CA VAL A 10 -7.25 8.07 2.91
C VAL A 10 -8.74 8.39 3.11
N ASP A 11 -9.55 7.35 3.24
CA ASP A 11 -10.95 7.50 3.60
C ASP A 11 -11.06 8.23 4.93
N GLU A 12 -10.77 7.52 6.01
CA GLU A 12 -10.72 8.09 7.35
C GLU A 12 -9.86 7.20 8.25
N LEU A 13 -10.18 5.91 8.25
CA LEU A 13 -9.50 4.95 9.13
C LEU A 13 -8.33 4.27 8.41
N GLY A 14 -7.91 4.83 7.28
CA GLY A 14 -6.73 4.34 6.59
C GLY A 14 -7.00 3.67 5.26
N ARG A 15 -8.28 3.56 4.90
CA ARG A 15 -8.64 2.84 3.67
C ARG A 15 -8.34 3.68 2.44
N ILE A 16 -7.62 3.12 1.48
CA ILE A 16 -7.34 3.80 0.22
C ILE A 16 -7.55 2.84 -0.95
N VAL A 17 -7.32 3.30 -2.16
CA VAL A 17 -7.59 2.49 -3.34
C VAL A 17 -6.29 2.16 -4.08
N MET A 18 -5.93 0.88 -4.05
CA MET A 18 -4.77 0.41 -4.78
C MET A 18 -5.22 0.08 -6.20
N PRO A 19 -4.36 0.22 -7.21
CA PRO A 19 -4.78 0.10 -8.58
C PRO A 19 -4.72 -1.32 -9.13
N ILE A 20 -5.33 -1.49 -10.30
CA ILE A 20 -5.24 -2.71 -11.06
C ILE A 20 -3.78 -3.14 -11.21
N GLU A 21 -2.90 -2.16 -11.32
CA GLU A 21 -1.46 -2.39 -11.43
C GLU A 21 -0.96 -3.25 -10.29
N LEU A 22 -1.52 -3.00 -9.11
CA LEU A 22 -1.16 -3.75 -7.92
C LEU A 22 -1.64 -5.18 -8.05
N ARG A 23 -2.88 -5.32 -8.50
CA ARG A 23 -3.45 -6.65 -8.71
C ARG A 23 -2.66 -7.44 -9.74
N ARG A 24 -2.41 -6.80 -10.87
CA ARG A 24 -1.64 -7.37 -11.97
C ARG A 24 -0.23 -7.75 -11.54
N ALA A 25 0.48 -6.79 -10.94
CA ALA A 25 1.81 -7.03 -10.41
C ALA A 25 1.83 -8.25 -9.51
N LEU A 26 0.83 -8.32 -8.64
CA LEU A 26 0.76 -9.36 -7.65
C LEU A 26 0.05 -10.61 -8.17
N ASP A 27 -1.24 -10.73 -7.89
CA ASP A 27 -1.99 -11.93 -8.22
C ASP A 27 -3.46 -11.73 -7.87
N ILE A 28 -3.86 -10.47 -7.67
CA ILE A 28 -5.17 -10.18 -7.13
C ILE A 28 -6.25 -10.36 -8.18
N ALA A 29 -7.30 -11.09 -7.81
CA ALA A 29 -8.42 -11.28 -8.71
C ALA A 29 -9.54 -10.31 -8.37
N ILE A 30 -9.93 -10.29 -7.11
CA ILE A 30 -10.97 -9.39 -6.64
C ILE A 30 -10.73 -8.99 -5.20
N LYS A 31 -10.20 -9.91 -4.40
CA LYS A 31 -9.88 -9.63 -3.01
C LYS A 31 -8.45 -10.10 -2.70
N ASP A 32 -8.14 -11.30 -3.18
CA ASP A 32 -6.82 -11.90 -3.09
C ASP A 32 -6.20 -11.84 -1.68
N SER A 33 -5.17 -10.99 -1.48
CA SER A 33 -4.35 -10.95 -0.24
C SER A 33 -3.19 -9.95 -0.42
N ILE A 34 -3.17 -8.88 0.35
CA ILE A 34 -2.02 -7.96 0.32
C ILE A 34 -1.55 -7.64 1.72
N GLU A 35 -0.29 -7.94 2.01
CA GLU A 35 0.27 -7.73 3.33
C GLU A 35 1.38 -6.68 3.26
N PHE A 36 1.46 -5.83 4.28
CA PHE A 36 2.34 -4.66 4.20
C PHE A 36 3.45 -4.65 5.26
N PHE A 37 4.55 -4.00 4.86
CA PHE A 37 5.70 -3.72 5.72
C PHE A 37 5.78 -2.22 5.88
N VAL A 38 6.44 -1.76 6.90
CA VAL A 38 6.66 -0.33 7.05
C VAL A 38 8.12 -0.05 7.40
N ASP A 39 8.71 0.86 6.65
CA ASP A 39 10.11 1.20 6.82
C ASP A 39 10.29 2.69 6.97
N GLY A 40 10.32 3.16 8.21
CA GLY A 40 10.50 4.58 8.49
C GLY A 40 9.36 5.44 7.97
N ASP A 41 9.46 5.84 6.70
CA ASP A 41 8.45 6.66 6.06
C ASP A 41 7.94 5.96 4.82
N LYS A 42 8.11 4.65 4.78
CA LYS A 42 7.72 3.87 3.62
C LYS A 42 6.83 2.70 4.01
N ILE A 43 6.01 2.26 3.07
CA ILE A 43 5.19 1.09 3.24
C ILE A 43 5.46 0.11 2.10
N ILE A 44 5.43 -1.17 2.39
CA ILE A 44 5.75 -2.20 1.43
C ILE A 44 4.59 -3.17 1.31
N LEU A 45 4.21 -3.56 0.10
CA LEU A 45 3.06 -4.45 -0.07
C LEU A 45 3.44 -5.66 -0.89
N LYS A 46 2.84 -6.80 -0.58
CA LYS A 46 2.95 -7.98 -1.43
C LYS A 46 1.82 -8.95 -1.14
N LYS A 47 1.52 -9.79 -2.11
CA LYS A 47 0.53 -10.84 -1.93
C LYS A 47 1.06 -11.84 -0.89
N TYR A 48 0.16 -12.46 -0.13
CA TYR A 48 0.57 -13.30 0.99
C TYR A 48 1.27 -14.57 0.51
N LYS A 49 0.57 -15.29 -0.36
CA LYS A 49 1.05 -16.57 -0.90
C LYS A 49 2.47 -16.49 -1.50
N PRO A 50 2.73 -15.64 -2.52
CA PRO A 50 4.04 -15.54 -3.17
C PRO A 50 5.17 -15.19 -2.20
N HIS A 51 6.30 -15.87 -2.36
CA HIS A 51 7.50 -15.68 -1.53
C HIS A 51 7.39 -16.45 -0.22
N GLY A 52 6.17 -16.78 0.19
CA GLY A 52 5.98 -17.61 1.36
C GLY A 52 6.16 -16.85 2.65
N VAL A 53 7.40 -16.46 2.91
CA VAL A 53 7.75 -15.72 4.11
C VAL A 53 7.06 -14.35 4.12
N CYS A 54 6.62 -13.94 5.28
CA CYS A 54 5.87 -12.72 5.42
C CYS A 54 6.49 -11.83 6.49
N MET B 1 3.85 -11.53 8.75
CA MET B 1 4.41 -10.85 9.94
C MET B 1 5.02 -9.51 9.54
N LYS B 2 5.84 -9.53 8.50
CA LYS B 2 6.38 -8.31 7.89
C LYS B 2 6.87 -7.32 8.95
N SER B 3 6.22 -6.17 8.99
CA SER B 3 6.49 -5.16 9.99
C SER B 3 5.18 -4.81 10.68
N ILE B 4 4.13 -4.75 9.89
CA ILE B 4 2.78 -4.59 10.43
C ILE B 4 2.16 -5.97 10.60
N GLY B 5 2.36 -6.80 9.60
CA GLY B 5 1.91 -8.17 9.65
C GLY B 5 0.45 -8.32 9.27
N VAL B 6 -0.09 -7.28 8.68
CA VAL B 6 -1.49 -7.28 8.30
C VAL B 6 -1.67 -7.52 6.82
N VAL B 7 -2.69 -8.28 6.49
CA VAL B 7 -2.98 -8.60 5.11
C VAL B 7 -4.41 -8.15 4.81
N ARG B 8 -4.60 -7.58 3.63
CA ARG B 8 -5.88 -6.99 3.29
C ARG B 8 -6.47 -7.68 2.09
N LYS B 9 -7.77 -7.76 2.08
CA LYS B 9 -8.48 -8.32 0.96
C LYS B 9 -9.13 -7.18 0.18
N VAL B 10 -8.79 -7.09 -1.09
CA VAL B 10 -9.27 -6.04 -1.97
C VAL B 10 -10.79 -5.96 -1.95
N ASP B 11 -11.32 -4.73 -1.95
CA ASP B 11 -12.74 -4.49 -2.14
C ASP B 11 -13.21 -5.13 -3.45
N GLU B 12 -12.86 -4.50 -4.57
CA GLU B 12 -13.11 -5.04 -5.91
C GLU B 12 -12.11 -4.40 -6.87
N LEU B 13 -12.17 -3.08 -6.90
CA LEU B 13 -11.31 -2.26 -7.76
C LEU B 13 -9.85 -2.42 -7.38
N GLY B 14 -9.61 -2.60 -6.09
CA GLY B 14 -8.27 -2.61 -5.55
C GLY B 14 -8.19 -1.84 -4.26
N ARG B 15 -9.34 -1.36 -3.81
CA ARG B 15 -9.42 -0.57 -2.59
C ARG B 15 -9.22 -1.46 -1.37
N ILE B 16 -8.26 -1.12 -0.53
CA ILE B 16 -8.00 -1.88 0.69
C ILE B 16 -7.83 -0.93 1.87
N VAL B 17 -7.56 -1.47 3.05
CA VAL B 17 -7.49 -0.66 4.25
C VAL B 17 -6.07 -0.64 4.80
N MET B 18 -5.43 0.51 4.69
CA MET B 18 -4.10 0.68 5.24
C MET B 18 -4.27 1.11 6.69
N PRO B 19 -3.37 0.72 7.59
CA PRO B 19 -3.59 0.91 9.00
C PRO B 19 -3.11 2.26 9.54
N ILE B 20 -3.56 2.54 10.75
CA ILE B 20 -3.07 3.67 11.52
C ILE B 20 -1.54 3.69 11.53
N GLU B 21 -0.93 2.51 11.50
CA GLU B 21 0.51 2.35 11.42
C GLU B 21 1.07 3.17 10.26
N LEU B 22 0.35 3.15 9.16
CA LEU B 22 0.75 3.85 7.96
C LEU B 22 0.55 5.33 8.16
N ARG B 23 -0.55 5.70 8.80
CA ARG B 23 -0.82 7.09 9.09
C ARG B 23 0.25 7.67 10.00
N ARG B 24 0.49 6.99 11.12
CA ARG B 24 1.56 7.33 12.05
C ARG B 24 2.90 7.41 11.35
N ALA B 25 3.24 6.35 10.62
CA ALA B 25 4.49 6.27 9.88
C ALA B 25 4.74 7.50 9.03
N LEU B 26 3.77 7.85 8.21
CA LEU B 26 3.95 8.91 7.24
C LEU B 26 3.62 10.27 7.85
N ASP B 27 2.34 10.62 7.86
CA ASP B 27 1.89 11.94 8.32
C ASP B 27 0.37 12.07 8.15
N ILE B 28 -0.30 10.93 8.01
CA ILE B 28 -1.71 10.93 7.59
C ILE B 28 -2.60 11.48 8.68
N ALA B 29 -3.33 12.53 8.33
CA ALA B 29 -4.24 13.16 9.27
C ALA B 29 -5.61 12.51 9.19
N ILE B 30 -6.09 12.38 7.97
CA ILE B 30 -7.37 11.74 7.73
C ILE B 30 -7.45 11.28 6.27
N LYS B 31 -6.91 12.08 5.35
CA LYS B 31 -6.80 11.68 3.96
C LYS B 31 -5.33 11.76 3.53
N ASP B 32 -4.70 12.86 3.91
CA ASP B 32 -3.28 13.10 3.69
C ASP B 32 -2.86 12.92 2.22
N SER B 33 -2.14 11.83 1.92
CA SER B 33 -1.48 11.61 0.62
C SER B 33 -0.65 10.33 0.68
N ILE B 34 -0.98 9.33 -0.13
CA ILE B 34 -0.12 8.16 -0.23
C ILE B 34 0.15 7.82 -1.69
N GLU B 35 1.41 7.86 -2.08
CA GLU B 35 1.81 7.58 -3.45
C GLU B 35 2.56 6.26 -3.49
N PHE B 36 2.23 5.41 -4.47
CA PHE B 36 2.82 4.07 -4.47
C PHE B 36 3.72 3.78 -5.68
N PHE B 37 4.67 2.88 -5.42
CA PHE B 37 5.63 2.37 -6.39
C PHE B 37 5.38 0.87 -6.52
N VAL B 38 5.78 0.29 -7.64
CA VAL B 38 5.65 -1.14 -7.79
C VAL B 38 6.97 -1.76 -8.28
N ASP B 39 7.37 -2.84 -7.62
CA ASP B 39 8.64 -3.48 -7.91
C ASP B 39 8.46 -4.99 -8.01
N GLY B 40 8.28 -5.46 -9.23
CA GLY B 40 8.10 -6.89 -9.47
C GLY B 40 6.84 -7.43 -8.83
N ASP B 41 6.95 -7.88 -7.59
CA ASP B 41 5.83 -8.43 -6.85
C ASP B 41 5.66 -7.64 -5.57
N LYS B 42 6.16 -6.42 -5.58
CA LYS B 42 6.12 -5.56 -4.41
C LYS B 42 5.46 -4.22 -4.71
N ILE B 43 4.88 -3.62 -3.69
CA ILE B 43 4.34 -2.28 -3.77
C ILE B 43 5.00 -1.42 -2.70
N ILE B 44 5.21 -0.14 -3.00
CA ILE B 44 5.87 0.78 -2.08
C ILE B 44 4.98 2.00 -1.85
N LEU B 45 4.86 2.46 -0.63
CA LEU B 45 3.98 3.59 -0.32
C LEU B 45 4.74 4.67 0.43
N LYS B 46 4.42 5.92 0.14
CA LYS B 46 4.94 7.03 0.94
C LYS B 46 4.05 8.25 0.75
N LYS B 47 4.07 9.14 1.74
CA LYS B 47 3.31 10.38 1.64
C LYS B 47 3.94 11.25 0.57
N TYR B 48 3.14 12.10 -0.07
CA TYR B 48 3.58 12.86 -1.22
C TYR B 48 4.60 13.94 -0.81
N LYS B 49 4.20 14.73 0.19
CA LYS B 49 5.01 15.84 0.69
C LYS B 49 6.44 15.42 1.10
N PRO B 50 6.62 14.46 2.04
CA PRO B 50 7.95 14.05 2.49
C PRO B 50 8.81 13.52 1.35
N HIS B 51 10.13 13.75 1.45
CA HIS B 51 11.12 13.38 0.42
C HIS B 51 11.06 14.33 -0.77
N GLY B 52 9.87 14.82 -1.09
CA GLY B 52 9.71 15.74 -2.20
C GLY B 52 9.55 15.02 -3.51
N VAL B 53 10.61 14.34 -3.89
CA VAL B 53 10.63 13.56 -5.12
C VAL B 53 9.69 12.35 -5.01
N CYS B 54 9.21 11.91 -6.16
CA CYS B 54 8.34 10.74 -6.27
C CYS B 54 9.02 9.49 -5.72
N MET A 1 9.25 10.94 -11.58
CA MET A 1 8.38 9.94 -12.25
C MET A 1 8.24 8.71 -11.38
N LYS A 2 7.03 8.20 -11.27
CA LYS A 2 6.76 7.05 -10.43
C LYS A 2 6.49 5.82 -11.29
N SER A 3 6.24 4.70 -10.62
CA SER A 3 5.91 3.48 -11.33
C SER A 3 4.42 3.46 -11.64
N ILE A 4 3.61 3.88 -10.67
CA ILE A 4 2.18 3.96 -10.87
C ILE A 4 1.76 5.43 -11.02
N GLY A 5 2.56 6.29 -10.40
CA GLY A 5 2.34 7.73 -10.47
C GLY A 5 1.04 8.16 -9.83
N VAL A 6 0.59 7.40 -8.84
CA VAL A 6 -0.68 7.68 -8.21
C VAL A 6 -0.54 7.95 -6.72
N VAL A 7 -1.37 8.87 -6.26
CA VAL A 7 -1.47 9.23 -4.86
C VAL A 7 -2.94 9.16 -4.45
N ARG A 8 -3.19 8.71 -3.23
CA ARG A 8 -4.54 8.55 -2.75
C ARG A 8 -4.74 9.32 -1.46
N LYS A 9 -5.95 9.73 -1.21
CA LYS A 9 -6.27 10.35 0.06
C LYS A 9 -7.04 9.37 0.92
N VAL A 10 -6.52 9.11 2.11
CA VAL A 10 -7.12 8.15 3.03
C VAL A 10 -8.59 8.48 3.28
N ASP A 11 -9.40 7.43 3.41
CA ASP A 11 -10.79 7.60 3.80
C ASP A 11 -10.87 8.33 5.14
N GLU A 12 -10.72 7.57 6.22
CA GLU A 12 -10.59 8.11 7.58
C GLU A 12 -9.85 7.09 8.43
N LEU A 13 -10.13 5.83 8.14
CA LEU A 13 -9.53 4.70 8.86
C LEU A 13 -8.15 4.36 8.31
N GLY A 14 -7.86 4.87 7.12
CA GLY A 14 -6.65 4.50 6.43
C GLY A 14 -6.96 3.77 5.13
N ARG A 15 -8.23 3.60 4.85
CA ARG A 15 -8.66 2.84 3.67
C ARG A 15 -8.46 3.66 2.42
N ILE A 16 -7.72 3.12 1.46
CA ILE A 16 -7.48 3.80 0.20
C ILE A 16 -7.61 2.80 -0.95
N VAL A 17 -7.40 3.24 -2.17
CA VAL A 17 -7.62 2.37 -3.32
C VAL A 17 -6.30 2.04 -4.01
N MET A 18 -5.98 0.75 -4.01
CA MET A 18 -4.83 0.26 -4.76
C MET A 18 -5.28 0.00 -6.19
N PRO A 19 -4.40 0.15 -7.17
CA PRO A 19 -4.79 0.04 -8.55
C PRO A 19 -4.71 -1.38 -9.10
N ILE A 20 -5.33 -1.56 -10.26
CA ILE A 20 -5.23 -2.80 -11.02
C ILE A 20 -3.77 -3.19 -11.20
N GLU A 21 -2.90 -2.19 -11.32
CA GLU A 21 -1.46 -2.38 -11.46
C GLU A 21 -0.93 -3.23 -10.32
N LEU A 22 -1.47 -2.98 -9.13
CA LEU A 22 -1.06 -3.71 -7.94
C LEU A 22 -1.50 -5.15 -8.05
N ARG A 23 -2.74 -5.34 -8.45
CA ARG A 23 -3.28 -6.69 -8.60
C ARG A 23 -2.48 -7.47 -9.64
N ARG A 24 -2.23 -6.82 -10.77
CA ARG A 24 -1.43 -7.40 -11.85
C ARG A 24 -0.01 -7.72 -11.40
N ALA A 25 0.66 -6.73 -10.82
CA ALA A 25 2.02 -6.90 -10.31
C ALA A 25 2.11 -8.08 -9.35
N LEU A 26 1.18 -8.11 -8.41
CA LEU A 26 1.19 -9.10 -7.37
C LEU A 26 0.61 -10.42 -7.85
N ASP A 27 -0.70 -10.58 -7.70
CA ASP A 27 -1.40 -11.82 -8.08
C ASP A 27 -2.88 -11.72 -7.71
N ILE A 28 -3.34 -10.48 -7.51
CA ILE A 28 -4.70 -10.26 -7.00
C ILE A 28 -5.72 -10.39 -8.13
N ALA A 29 -6.81 -11.10 -7.86
CA ALA A 29 -7.87 -11.24 -8.83
C ALA A 29 -8.99 -10.25 -8.53
N ILE A 30 -9.48 -10.28 -7.31
CA ILE A 30 -10.58 -9.40 -6.91
C ILE A 30 -10.47 -9.06 -5.44
N LYS A 31 -9.96 -10.00 -4.64
CA LYS A 31 -9.74 -9.76 -3.22
C LYS A 31 -8.35 -10.24 -2.82
N ASP A 32 -8.03 -11.43 -3.30
CA ASP A 32 -6.75 -12.09 -3.09
C ASP A 32 -6.23 -12.04 -1.66
N SER A 33 -5.22 -11.18 -1.40
CA SER A 33 -4.46 -11.15 -0.13
C SER A 33 -3.32 -10.14 -0.23
N ILE A 34 -3.43 -9.00 0.45
CA ILE A 34 -2.38 -7.99 0.38
C ILE A 34 -1.84 -7.68 1.77
N GLU A 35 -0.59 -8.00 2.00
CA GLU A 35 0.02 -7.80 3.31
C GLU A 35 1.11 -6.74 3.20
N PHE A 36 1.16 -5.85 4.20
CA PHE A 36 2.07 -4.72 4.12
C PHE A 36 3.14 -4.70 5.21
N PHE A 37 4.26 -4.08 4.86
CA PHE A 37 5.40 -3.85 5.73
C PHE A 37 5.57 -2.35 5.87
N VAL A 38 6.19 -1.91 6.94
CA VAL A 38 6.48 -0.49 7.05
C VAL A 38 7.93 -0.24 7.42
N ASP A 39 8.60 0.48 6.55
CA ASP A 39 10.01 0.80 6.73
C ASP A 39 10.17 2.29 6.98
N GLY A 40 10.20 2.67 8.25
CA GLY A 40 10.33 4.07 8.63
C GLY A 40 9.19 4.94 8.13
N ASP A 41 9.34 5.45 6.92
CA ASP A 41 8.36 6.31 6.28
C ASP A 41 8.06 5.75 4.90
N LYS A 42 8.09 4.44 4.83
CA LYS A 42 7.74 3.72 3.62
C LYS A 42 6.86 2.53 3.94
N ILE A 43 5.98 2.18 3.02
CA ILE A 43 5.14 1.01 3.18
C ILE A 43 5.39 0.03 2.04
N ILE A 44 5.33 -1.25 2.37
CA ILE A 44 5.62 -2.31 1.41
C ILE A 44 4.40 -3.19 1.28
N LEU A 45 4.03 -3.57 0.06
CA LEU A 45 2.88 -4.45 -0.12
C LEU A 45 3.27 -5.66 -0.95
N LYS A 46 2.81 -6.83 -0.54
CA LYS A 46 2.96 -8.03 -1.34
C LYS A 46 1.86 -9.01 -0.96
N LYS A 47 1.64 -9.98 -1.82
CA LYS A 47 0.61 -10.96 -1.60
C LYS A 47 0.97 -11.84 -0.40
N TYR A 48 -0.02 -12.52 0.16
CA TYR A 48 0.17 -13.24 1.41
C TYR A 48 0.76 -14.62 1.16
N LYS A 49 0.11 -15.35 0.27
CA LYS A 49 0.46 -16.73 -0.05
C LYS A 49 1.94 -16.93 -0.42
N PRO A 50 2.53 -16.09 -1.31
CA PRO A 50 3.93 -16.25 -1.74
C PRO A 50 4.93 -16.29 -0.57
N HIS A 51 4.57 -15.67 0.54
CA HIS A 51 5.46 -15.66 1.70
C HIS A 51 4.94 -16.60 2.79
N GLY A 52 3.76 -17.16 2.55
CA GLY A 52 3.15 -18.06 3.52
C GLY A 52 2.49 -17.31 4.65
N VAL A 53 3.31 -16.69 5.47
CA VAL A 53 2.87 -15.91 6.61
C VAL A 53 3.65 -14.61 6.67
N CYS A 54 3.21 -13.70 7.52
CA CYS A 54 3.85 -12.40 7.72
C CYS A 54 5.38 -12.53 7.75
N MET B 1 7.71 -13.08 10.93
CA MET B 1 7.01 -11.85 11.37
C MET B 1 7.17 -10.76 10.32
N LYS B 2 6.38 -9.71 10.41
CA LYS B 2 6.35 -8.70 9.37
C LYS B 2 6.86 -7.35 9.86
N SER B 3 5.92 -6.53 10.29
CA SER B 3 6.16 -5.13 10.58
C SER B 3 4.83 -4.52 11.00
N ILE B 4 3.81 -4.84 10.22
CA ILE B 4 2.45 -4.53 10.58
C ILE B 4 1.70 -5.83 10.86
N GLY B 5 2.09 -6.86 10.09
CA GLY B 5 1.51 -8.18 10.24
C GLY B 5 0.03 -8.18 9.94
N VAL B 6 -0.34 -7.53 8.84
CA VAL B 6 -1.73 -7.46 8.43
C VAL B 6 -1.87 -7.71 6.94
N VAL B 7 -2.91 -8.44 6.58
CA VAL B 7 -3.22 -8.72 5.19
C VAL B 7 -4.64 -8.26 4.91
N ARG B 8 -4.86 -7.71 3.72
CA ARG B 8 -6.13 -7.15 3.37
C ARG B 8 -6.67 -7.83 2.14
N LYS B 9 -7.98 -7.93 2.06
CA LYS B 9 -8.63 -8.44 0.87
C LYS B 9 -9.21 -7.29 0.07
N VAL B 10 -8.79 -7.21 -1.19
CA VAL B 10 -9.23 -6.14 -2.07
C VAL B 10 -10.75 -6.10 -2.17
N ASP B 11 -11.30 -4.88 -2.15
CA ASP B 11 -12.72 -4.66 -2.40
C ASP B 11 -13.14 -5.34 -3.70
N GLU B 12 -12.84 -4.68 -4.82
CA GLU B 12 -13.02 -5.22 -6.17
C GLU B 12 -12.08 -4.47 -7.08
N LEU B 13 -12.12 -3.16 -6.94
CA LEU B 13 -11.30 -2.24 -7.70
C LEU B 13 -9.83 -2.41 -7.32
N GLY B 14 -9.61 -2.64 -6.03
CA GLY B 14 -8.27 -2.65 -5.48
C GLY B 14 -8.23 -1.90 -4.17
N ARG B 15 -9.38 -1.42 -3.74
CA ARG B 15 -9.49 -0.64 -2.52
C ARG B 15 -9.29 -1.53 -1.30
N ILE B 16 -8.33 -1.17 -0.45
CA ILE B 16 -8.07 -1.91 0.78
C ILE B 16 -7.86 -0.92 1.93
N VAL B 17 -7.60 -1.42 3.12
CA VAL B 17 -7.48 -0.55 4.28
C VAL B 17 -6.04 -0.52 4.80
N MET B 18 -5.41 0.65 4.66
CA MET B 18 -4.11 0.86 5.26
C MET B 18 -4.32 1.18 6.73
N PRO B 19 -3.36 0.86 7.60
CA PRO B 19 -3.55 1.01 9.01
C PRO B 19 -3.08 2.36 9.55
N ILE B 20 -3.54 2.67 10.75
CA ILE B 20 -3.06 3.82 11.49
C ILE B 20 -1.54 3.82 11.53
N GLU B 21 -0.94 2.63 11.54
CA GLU B 21 0.52 2.48 11.54
C GLU B 21 1.12 3.17 10.33
N LEU B 22 0.42 3.11 9.21
CA LEU B 22 0.86 3.76 7.99
C LEU B 22 0.78 5.26 8.17
N ARG B 23 -0.34 5.71 8.73
CA ARG B 23 -0.54 7.11 9.03
C ARG B 23 0.59 7.65 9.91
N ARG B 24 0.81 6.95 11.02
CA ARG B 24 1.89 7.28 11.95
C ARG B 24 3.24 7.28 11.25
N ALA B 25 3.54 6.18 10.56
CA ALA B 25 4.78 6.03 9.83
C ALA B 25 5.08 7.19 8.90
N LEU B 26 4.11 7.52 8.06
CA LEU B 26 4.32 8.53 7.05
C LEU B 26 4.06 9.93 7.62
N ASP B 27 2.80 10.36 7.57
CA ASP B 27 2.44 11.70 8.01
C ASP B 27 0.93 11.89 7.94
N ILE B 28 0.20 10.79 7.84
CA ILE B 28 -1.22 10.83 7.48
C ILE B 28 -2.05 11.43 8.61
N ALA B 29 -2.81 12.45 8.27
CA ALA B 29 -3.66 13.12 9.23
C ALA B 29 -5.04 12.49 9.26
N ILE B 30 -5.60 12.29 8.08
CA ILE B 30 -6.92 11.67 7.93
C ILE B 30 -7.13 11.28 6.48
N LYS B 31 -6.63 12.12 5.57
CA LYS B 31 -6.59 11.78 4.15
C LYS B 31 -5.16 11.89 3.65
N ASP B 32 -4.53 13.00 4.01
CA ASP B 32 -3.11 13.25 3.76
C ASP B 32 -2.72 13.14 2.29
N SER B 33 -2.06 12.03 1.92
CA SER B 33 -1.43 11.85 0.60
C SER B 33 -0.66 10.53 0.59
N ILE B 34 -1.14 9.53 -0.13
CA ILE B 34 -0.43 8.25 -0.20
C ILE B 34 -0.11 7.89 -1.64
N GLU B 35 1.15 7.93 -1.97
CA GLU B 35 1.63 7.72 -3.33
C GLU B 35 2.36 6.38 -3.41
N PHE B 36 2.03 5.56 -4.41
CA PHE B 36 2.61 4.22 -4.45
C PHE B 36 3.50 3.97 -5.68
N PHE B 37 4.44 3.05 -5.46
CA PHE B 37 5.37 2.57 -6.47
C PHE B 37 5.25 1.05 -6.51
N VAL B 38 5.51 0.45 -7.65
CA VAL B 38 5.47 -0.99 -7.73
C VAL B 38 6.79 -1.55 -8.27
N ASP B 39 7.37 -2.44 -7.50
CA ASP B 39 8.64 -3.05 -7.84
C ASP B 39 8.43 -4.54 -8.10
N GLY B 40 8.22 -4.87 -9.37
CA GLY B 40 7.98 -6.25 -9.76
C GLY B 40 6.74 -6.86 -9.11
N ASP B 41 6.95 -7.43 -7.94
CA ASP B 41 5.88 -8.11 -7.18
C ASP B 41 5.81 -7.50 -5.80
N LYS B 42 6.18 -6.24 -5.72
CA LYS B 42 6.14 -5.48 -4.49
C LYS B 42 5.52 -4.11 -4.71
N ILE B 43 4.89 -3.57 -3.67
CA ILE B 43 4.32 -2.23 -3.72
C ILE B 43 5.00 -1.37 -2.65
N ILE B 44 5.15 -0.09 -2.95
CA ILE B 44 5.83 0.84 -2.06
C ILE B 44 4.93 2.06 -1.85
N LEU B 45 4.80 2.52 -0.61
CA LEU B 45 3.93 3.66 -0.32
C LEU B 45 4.71 4.76 0.37
N LYS B 46 4.35 6.00 0.06
CA LYS B 46 5.01 7.17 0.60
C LYS B 46 4.08 8.38 0.51
N LYS B 47 4.16 9.27 1.50
CA LYS B 47 3.37 10.51 1.47
C LYS B 47 3.86 11.39 0.31
N TYR B 48 2.93 12.08 -0.33
CA TYR B 48 3.22 12.83 -1.56
C TYR B 48 4.21 13.97 -1.32
N LYS B 49 3.84 14.88 -0.43
CA LYS B 49 4.60 16.11 -0.17
C LYS B 49 6.11 15.88 0.03
N PRO B 50 6.55 14.95 0.92
CA PRO B 50 7.98 14.68 1.17
C PRO B 50 8.75 14.16 -0.05
N HIS B 51 8.14 14.19 -1.23
CA HIS B 51 8.85 13.88 -2.47
C HIS B 51 8.49 14.88 -3.56
N GLY B 52 7.59 15.80 -3.24
CA GLY B 52 7.16 16.79 -4.20
C GLY B 52 6.17 16.25 -5.19
N VAL B 53 6.67 15.45 -6.11
CA VAL B 53 5.85 14.85 -7.15
C VAL B 53 6.23 13.38 -7.29
N CYS B 54 5.39 12.63 -7.97
CA CYS B 54 5.65 11.21 -8.22
C CYS B 54 7.03 11.01 -8.84
N MET A 1 9.21 10.38 -11.19
CA MET A 1 7.89 9.89 -10.73
C MET A 1 8.01 8.43 -10.35
N LYS A 2 7.20 7.99 -9.40
CA LYS A 2 7.28 6.61 -8.94
C LYS A 2 6.75 5.67 -9.99
N SER A 3 7.02 4.40 -9.79
CA SER A 3 6.69 3.36 -10.76
C SER A 3 5.23 3.44 -11.21
N ILE A 4 4.33 3.62 -10.24
CA ILE A 4 2.93 3.78 -10.56
C ILE A 4 2.62 5.27 -10.70
N GLY A 5 3.23 6.05 -9.81
CA GLY A 5 3.13 7.49 -9.87
C GLY A 5 1.79 8.01 -9.34
N VAL A 6 1.01 7.11 -8.77
CA VAL A 6 -0.31 7.48 -8.28
C VAL A 6 -0.31 7.72 -6.78
N VAL A 7 -1.17 8.65 -6.38
CA VAL A 7 -1.32 9.02 -4.99
C VAL A 7 -2.80 8.93 -4.60
N ARG A 8 -3.06 8.46 -3.39
CA ARG A 8 -4.42 8.23 -2.93
C ARG A 8 -4.70 9.05 -1.68
N LYS A 9 -5.96 9.37 -1.49
CA LYS A 9 -6.38 10.03 -0.27
C LYS A 9 -7.22 9.06 0.54
N VAL A 10 -6.81 8.85 1.79
CA VAL A 10 -7.50 7.95 2.71
C VAL A 10 -8.97 8.34 2.87
N ASP A 11 -9.83 7.33 3.03
CA ASP A 11 -11.23 7.58 3.34
C ASP A 11 -11.34 8.34 4.65
N GLU A 12 -11.05 7.62 5.74
CA GLU A 12 -11.05 8.18 7.10
C GLU A 12 -10.17 7.33 7.99
N LEU A 13 -10.47 6.03 7.97
CA LEU A 13 -9.76 5.04 8.78
C LEU A 13 -8.31 4.89 8.34
N GLY A 14 -8.15 4.74 7.04
CA GLY A 14 -6.86 4.42 6.46
C GLY A 14 -7.03 3.70 5.15
N ARG A 15 -8.28 3.51 4.75
CA ARG A 15 -8.60 2.79 3.53
C ARG A 15 -8.33 3.65 2.31
N ILE A 16 -7.61 3.10 1.35
CA ILE A 16 -7.35 3.79 0.09
C ILE A 16 -7.58 2.82 -1.07
N VAL A 17 -7.37 3.29 -2.28
CA VAL A 17 -7.67 2.48 -3.45
C VAL A 17 -6.39 2.12 -4.20
N MET A 18 -5.99 0.86 -4.08
CA MET A 18 -4.83 0.37 -4.80
C MET A 18 -5.24 0.04 -6.23
N PRO A 19 -4.36 0.23 -7.21
CA PRO A 19 -4.73 0.15 -8.61
C PRO A 19 -4.65 -1.25 -9.21
N ILE A 20 -5.28 -1.41 -10.36
CA ILE A 20 -5.17 -2.64 -11.13
C ILE A 20 -3.72 -3.03 -11.34
N GLU A 21 -2.85 -2.02 -11.38
CA GLU A 21 -1.41 -2.25 -11.51
C GLU A 21 -0.89 -3.13 -10.39
N LEU A 22 -1.44 -2.96 -9.19
CA LEU A 22 -1.01 -3.77 -8.06
C LEU A 22 -1.60 -5.15 -8.17
N ARG A 23 -2.83 -5.25 -8.68
CA ARG A 23 -3.42 -6.56 -8.92
C ARG A 23 -2.54 -7.35 -9.86
N ARG A 24 -2.25 -6.72 -11.00
CA ARG A 24 -1.41 -7.29 -12.04
C ARG A 24 -0.03 -7.64 -11.51
N ALA A 25 0.62 -6.67 -10.86
CA ALA A 25 1.92 -6.89 -10.24
C ALA A 25 1.89 -8.11 -9.32
N LEU A 26 0.82 -8.22 -8.56
CA LEU A 26 0.70 -9.27 -7.57
C LEU A 26 -0.05 -10.47 -8.15
N ASP A 27 -1.37 -10.50 -7.97
CA ASP A 27 -2.20 -11.64 -8.37
C ASP A 27 -3.65 -11.39 -7.97
N ILE A 28 -3.99 -10.12 -7.75
CA ILE A 28 -5.31 -9.78 -7.21
C ILE A 28 -6.41 -10.06 -8.21
N ALA A 29 -7.42 -10.81 -7.79
CA ALA A 29 -8.56 -11.08 -8.64
C ALA A 29 -9.74 -10.20 -8.25
N ILE A 30 -10.02 -10.17 -6.96
CA ILE A 30 -11.01 -9.25 -6.43
C ILE A 30 -10.63 -8.81 -5.02
N LYS A 31 -10.35 -9.78 -4.16
CA LYS A 31 -9.99 -9.48 -2.78
C LYS A 31 -8.56 -9.92 -2.53
N ASP A 32 -8.22 -11.06 -3.10
CA ASP A 32 -6.87 -11.62 -3.06
C ASP A 32 -6.26 -11.63 -1.66
N SER A 33 -5.19 -10.82 -1.43
CA SER A 33 -4.39 -10.85 -0.19
C SER A 33 -3.23 -9.87 -0.33
N ILE A 34 -3.20 -8.80 0.47
CA ILE A 34 -2.07 -7.86 0.41
C ILE A 34 -1.53 -7.59 1.81
N GLU A 35 -0.27 -7.92 2.05
CA GLU A 35 0.33 -7.75 3.36
C GLU A 35 1.43 -6.69 3.30
N PHE A 36 1.47 -5.81 4.30
CA PHE A 36 2.34 -4.63 4.23
C PHE A 36 3.47 -4.64 5.28
N PHE A 37 4.55 -4.00 4.89
CA PHE A 37 5.73 -3.74 5.71
C PHE A 37 5.84 -2.24 5.85
N VAL A 38 6.51 -1.78 6.88
CA VAL A 38 6.78 -0.35 7.01
C VAL A 38 8.25 -0.12 7.29
N ASP A 39 8.84 0.75 6.49
CA ASP A 39 10.26 1.03 6.58
C ASP A 39 10.49 2.52 6.74
N GLY A 40 10.62 2.97 7.98
CA GLY A 40 10.83 4.37 8.27
C GLY A 40 9.63 5.22 7.91
N ASP A 41 9.60 5.68 6.66
CA ASP A 41 8.50 6.49 6.16
C ASP A 41 7.97 5.84 4.89
N LYS A 42 8.16 4.54 4.79
CA LYS A 42 7.77 3.77 3.62
C LYS A 42 6.85 2.63 4.00
N ILE A 43 6.03 2.20 3.05
CA ILE A 43 5.18 1.03 3.23
C ILE A 43 5.42 0.05 2.08
N ILE A 44 5.43 -1.24 2.39
CA ILE A 44 5.79 -2.27 1.42
C ILE A 44 4.65 -3.28 1.29
N LEU A 45 4.17 -3.55 0.10
CA LEU A 45 3.02 -4.44 -0.06
C LEU A 45 3.41 -5.66 -0.87
N LYS A 46 2.84 -6.80 -0.50
CA LYS A 46 2.99 -8.01 -1.30
C LYS A 46 1.73 -8.85 -1.19
N LYS A 47 1.50 -9.67 -2.19
CA LYS A 47 0.47 -10.69 -2.09
C LYS A 47 0.98 -11.74 -1.10
N TYR A 48 0.11 -12.26 -0.25
CA TYR A 48 0.55 -13.11 0.87
C TYR A 48 1.31 -14.34 0.38
N LYS A 49 0.68 -15.05 -0.55
CA LYS A 49 1.26 -16.27 -1.14
C LYS A 49 2.66 -16.05 -1.77
N PRO A 50 2.81 -15.19 -2.82
CA PRO A 50 4.11 -14.97 -3.47
C PRO A 50 5.12 -14.28 -2.55
N HIS A 51 6.40 -14.29 -2.96
CA HIS A 51 7.51 -13.78 -2.15
C HIS A 51 7.77 -14.69 -0.95
N GLY A 52 6.72 -15.11 -0.27
CA GLY A 52 6.85 -16.02 0.83
C GLY A 52 7.26 -15.33 2.12
N VAL A 53 8.52 -14.96 2.18
CA VAL A 53 9.12 -14.41 3.39
C VAL A 53 8.44 -13.14 3.88
N CYS A 54 8.38 -12.99 5.19
CA CYS A 54 7.88 -11.78 5.85
C CYS A 54 8.88 -11.33 6.90
N MET B 1 7.45 -12.48 10.43
CA MET B 1 6.27 -11.72 9.92
C MET B 1 6.72 -10.34 9.46
N LYS B 2 5.88 -9.70 8.65
CA LYS B 2 6.17 -8.37 8.15
C LYS B 2 6.24 -7.37 9.29
N SER B 3 6.69 -6.17 8.99
CA SER B 3 6.83 -5.13 9.98
C SER B 3 5.48 -4.84 10.63
N ILE B 4 4.45 -4.66 9.80
CA ILE B 4 3.10 -4.50 10.29
C ILE B 4 2.49 -5.87 10.49
N GLY B 5 2.77 -6.76 9.56
CA GLY B 5 2.31 -8.13 9.64
C GLY B 5 0.81 -8.23 9.45
N VAL B 6 0.26 -7.34 8.65
CA VAL B 6 -1.16 -7.36 8.38
C VAL B 6 -1.42 -7.56 6.90
N VAL B 7 -2.45 -8.32 6.59
CA VAL B 7 -2.83 -8.59 5.22
C VAL B 7 -4.25 -8.10 5.00
N ARG B 8 -4.51 -7.55 3.83
CA ARG B 8 -5.79 -6.95 3.52
C ARG B 8 -6.42 -7.66 2.35
N LYS B 9 -7.73 -7.68 2.33
CA LYS B 9 -8.46 -8.16 1.18
C LYS B 9 -9.07 -6.97 0.47
N VAL B 10 -8.90 -6.94 -0.85
CA VAL B 10 -9.39 -5.86 -1.66
C VAL B 10 -10.93 -5.85 -1.67
N ASP B 11 -11.51 -4.66 -1.68
CA ASP B 11 -12.95 -4.52 -1.90
C ASP B 11 -13.34 -5.23 -3.19
N GLU B 12 -13.14 -4.55 -4.30
CA GLU B 12 -13.34 -5.13 -5.63
C GLU B 12 -12.39 -4.47 -6.62
N LEU B 13 -12.37 -3.14 -6.59
CA LEU B 13 -11.61 -2.34 -7.54
C LEU B 13 -10.12 -2.39 -7.23
N GLY B 14 -9.78 -2.58 -5.96
CA GLY B 14 -8.40 -2.53 -5.54
C GLY B 14 -8.26 -1.80 -4.22
N ARG B 15 -9.39 -1.32 -3.70
CA ARG B 15 -9.40 -0.59 -2.44
C ARG B 15 -9.12 -1.53 -1.27
N ILE B 16 -8.21 -1.14 -0.40
CA ILE B 16 -7.95 -1.89 0.82
C ILE B 16 -7.80 -0.91 1.99
N VAL B 17 -7.55 -1.43 3.17
CA VAL B 17 -7.50 -0.59 4.36
C VAL B 17 -6.08 -0.55 4.91
N MET B 18 -5.42 0.57 4.70
CA MET B 18 -4.08 0.77 5.26
C MET B 18 -4.23 1.15 6.72
N PRO B 19 -3.34 0.68 7.60
CA PRO B 19 -3.55 0.80 9.02
C PRO B 19 -3.08 2.14 9.60
N ILE B 20 -3.54 2.41 10.81
CA ILE B 20 -3.08 3.54 11.58
C ILE B 20 -1.55 3.58 11.62
N GLU B 21 -0.93 2.41 11.58
CA GLU B 21 0.51 2.27 11.52
C GLU B 21 1.08 3.08 10.36
N LEU B 22 0.38 3.04 9.24
CA LEU B 22 0.80 3.75 8.04
C LEU B 22 0.60 5.23 8.24
N ARG B 23 -0.53 5.58 8.85
CA ARG B 23 -0.81 6.96 9.17
C ARG B 23 0.30 7.55 10.03
N ARG B 24 0.61 6.84 11.11
CA ARG B 24 1.69 7.20 12.03
C ARG B 24 3.04 7.25 11.31
N ALA B 25 3.33 6.19 10.55
CA ALA B 25 4.55 6.13 9.75
C ALA B 25 4.73 7.38 8.92
N LEU B 26 3.70 7.75 8.19
CA LEU B 26 3.76 8.87 7.28
C LEU B 26 3.34 10.17 7.97
N ASP B 27 2.13 10.62 7.69
CA ASP B 27 1.59 11.86 8.26
C ASP B 27 0.08 11.84 8.26
N ILE B 28 -0.51 10.68 8.01
CA ILE B 28 -1.93 10.62 7.64
C ILE B 28 -2.82 11.17 8.73
N ALA B 29 -3.56 12.20 8.39
CA ALA B 29 -4.47 12.84 9.33
C ALA B 29 -5.87 12.26 9.18
N ILE B 30 -6.31 12.17 7.93
CA ILE B 30 -7.63 11.60 7.63
C ILE B 30 -7.68 11.15 6.17
N LYS B 31 -7.01 11.90 5.30
CA LYS B 31 -6.88 11.53 3.89
C LYS B 31 -5.41 11.59 3.49
N ASP B 32 -4.77 12.67 3.91
CA ASP B 32 -3.34 12.92 3.71
C ASP B 32 -2.90 12.78 2.26
N SER B 33 -2.19 11.70 1.93
CA SER B 33 -1.55 11.52 0.62
C SER B 33 -0.74 10.22 0.63
N ILE B 34 -1.09 9.25 -0.20
CA ILE B 34 -0.28 8.03 -0.29
C ILE B 34 0.03 7.71 -1.73
N GLU B 35 1.30 7.78 -2.08
CA GLU B 35 1.75 7.53 -3.44
C GLU B 35 2.48 6.19 -3.48
N PHE B 36 2.22 5.36 -4.48
CA PHE B 36 2.82 4.02 -4.50
C PHE B 36 3.73 3.77 -5.70
N PHE B 37 4.67 2.87 -5.45
CA PHE B 37 5.66 2.38 -6.41
C PHE B 37 5.49 0.87 -6.50
N VAL B 38 5.79 0.28 -7.63
CA VAL B 38 5.72 -1.16 -7.75
C VAL B 38 7.07 -1.75 -8.15
N ASP B 39 7.47 -2.77 -7.43
CA ASP B 39 8.78 -3.38 -7.61
C ASP B 39 8.64 -4.88 -7.82
N GLY B 40 8.58 -5.28 -9.09
CA GLY B 40 8.42 -6.68 -9.43
C GLY B 40 7.11 -7.27 -8.93
N ASP B 41 7.12 -7.71 -7.68
CA ASP B 41 5.95 -8.31 -7.05
C ASP B 41 5.69 -7.58 -5.74
N LYS B 42 6.12 -6.32 -5.69
CA LYS B 42 6.04 -5.52 -4.48
C LYS B 42 5.39 -4.17 -4.75
N ILE B 43 4.86 -3.58 -3.70
CA ILE B 43 4.30 -2.23 -3.75
C ILE B 43 4.98 -1.37 -2.67
N ILE B 44 5.19 -0.10 -2.96
CA ILE B 44 5.90 0.80 -2.04
C ILE B 44 5.10 2.08 -1.85
N LEU B 45 4.83 2.46 -0.61
CA LEU B 45 3.97 3.60 -0.33
C LEU B 45 4.76 4.69 0.38
N LYS B 46 4.42 5.94 0.08
CA LYS B 46 4.95 7.08 0.82
C LYS B 46 3.95 8.21 0.76
N LYS B 47 3.98 9.07 1.76
CA LYS B 47 3.20 10.29 1.71
C LYS B 47 3.82 11.20 0.64
N TYR B 48 2.99 11.92 -0.08
CA TYR B 48 3.44 12.67 -1.25
C TYR B 48 4.56 13.65 -0.91
N LYS B 49 4.33 14.41 0.14
CA LYS B 49 5.26 15.45 0.58
C LYS B 49 6.62 14.89 1.07
N PRO B 50 6.65 14.11 2.18
CA PRO B 50 7.91 13.60 2.73
C PRO B 50 8.63 12.63 1.79
N HIS B 51 9.92 12.47 2.03
CA HIS B 51 10.80 11.62 1.21
C HIS B 51 11.13 12.30 -0.12
N GLY B 52 10.17 13.04 -0.65
CA GLY B 52 10.41 13.87 -1.81
C GLY B 52 10.49 13.10 -3.10
N VAL B 53 11.62 12.47 -3.32
CA VAL B 53 11.93 11.79 -4.58
C VAL B 53 10.86 10.75 -4.95
N CYS B 54 10.62 10.64 -6.24
CA CYS B 54 9.67 9.68 -6.78
C CYS B 54 10.35 8.84 -7.85
N MET A 1 10.96 9.25 -9.59
CA MET A 1 10.03 8.66 -10.58
C MET A 1 9.35 7.43 -9.98
N LYS A 2 8.03 7.37 -10.09
CA LYS A 2 7.30 6.25 -9.54
C LYS A 2 6.92 5.27 -10.64
N SER A 3 6.49 4.10 -10.22
CA SER A 3 6.03 3.07 -11.14
C SER A 3 4.62 3.38 -11.60
N ILE A 4 3.75 3.56 -10.62
CA ILE A 4 2.35 3.82 -10.90
C ILE A 4 2.13 5.33 -10.98
N GLY A 5 2.88 6.07 -10.18
CA GLY A 5 2.81 7.51 -10.17
C GLY A 5 1.46 8.01 -9.72
N VAL A 6 0.85 7.27 -8.80
CA VAL A 6 -0.47 7.62 -8.32
C VAL A 6 -0.46 7.85 -6.81
N VAL A 7 -1.28 8.80 -6.39
CA VAL A 7 -1.42 9.16 -4.99
C VAL A 7 -2.87 9.08 -4.59
N ARG A 8 -3.12 8.60 -3.39
CA ARG A 8 -4.47 8.37 -2.92
C ARG A 8 -4.72 9.17 -1.66
N LYS A 9 -5.98 9.43 -1.39
CA LYS A 9 -6.37 10.04 -0.14
C LYS A 9 -7.17 9.04 0.68
N VAL A 10 -6.77 8.89 1.93
CA VAL A 10 -7.38 7.93 2.84
C VAL A 10 -8.88 8.19 3.02
N ASP A 11 -9.64 7.11 3.16
CA ASP A 11 -11.05 7.19 3.51
C ASP A 11 -11.22 7.94 4.82
N GLU A 12 -10.90 7.27 5.92
CA GLU A 12 -10.89 7.84 7.27
C GLU A 12 -10.05 6.95 8.14
N LEU A 13 -10.39 5.67 8.10
CA LEU A 13 -9.68 4.63 8.83
C LEU A 13 -8.24 4.57 8.36
N GLY A 14 -8.09 4.47 7.06
CA GLY A 14 -6.81 4.24 6.45
C GLY A 14 -6.97 3.57 5.11
N ARG A 15 -8.22 3.36 4.71
CA ARG A 15 -8.52 2.65 3.47
C ARG A 15 -8.24 3.54 2.28
N ILE A 16 -7.47 3.04 1.33
CA ILE A 16 -7.20 3.75 0.10
C ILE A 16 -7.40 2.80 -1.07
N VAL A 17 -7.20 3.27 -2.28
CA VAL A 17 -7.46 2.44 -3.45
C VAL A 17 -6.17 2.10 -4.20
N MET A 18 -5.78 0.84 -4.10
CA MET A 18 -4.64 0.34 -4.86
C MET A 18 -5.10 0.12 -6.30
N PRO A 19 -4.19 0.16 -7.29
CA PRO A 19 -4.58 0.10 -8.68
C PRO A 19 -4.54 -1.31 -9.27
N ILE A 20 -5.12 -1.43 -10.45
CA ILE A 20 -5.01 -2.64 -11.24
C ILE A 20 -3.55 -3.09 -11.35
N GLU A 21 -2.65 -2.13 -11.40
CA GLU A 21 -1.22 -2.38 -11.45
C GLU A 21 -0.78 -3.27 -10.31
N LEU A 22 -1.39 -3.03 -9.16
CA LEU A 22 -1.06 -3.79 -7.97
C LEU A 22 -1.56 -5.21 -8.12
N ARG A 23 -2.78 -5.33 -8.63
CA ARG A 23 -3.38 -6.64 -8.85
C ARG A 23 -2.55 -7.44 -9.86
N ARG A 24 -2.22 -6.78 -10.96
CA ARG A 24 -1.40 -7.36 -12.03
C ARG A 24 -0.03 -7.77 -11.53
N ALA A 25 0.66 -6.82 -10.88
CA ALA A 25 1.97 -7.08 -10.31
C ALA A 25 1.93 -8.29 -9.39
N LEU A 26 0.87 -8.36 -8.61
CA LEU A 26 0.73 -9.40 -7.62
C LEU A 26 -0.05 -10.60 -8.19
N ASP A 27 -1.35 -10.62 -7.95
CA ASP A 27 -2.18 -11.76 -8.34
C ASP A 27 -3.64 -11.48 -7.98
N ILE A 28 -3.95 -10.21 -7.75
CA ILE A 28 -5.26 -9.85 -7.21
C ILE A 28 -6.35 -10.00 -8.27
N ALA A 29 -7.43 -10.67 -7.90
CA ALA A 29 -8.56 -10.82 -8.80
C ALA A 29 -9.67 -9.87 -8.39
N ILE A 30 -10.04 -9.92 -7.12
CA ILE A 30 -11.09 -9.05 -6.60
C ILE A 30 -10.84 -8.72 -5.14
N LYS A 31 -10.28 -9.67 -4.40
CA LYS A 31 -9.95 -9.44 -2.99
C LYS A 31 -8.53 -9.92 -2.70
N ASP A 32 -8.21 -11.08 -3.25
CA ASP A 32 -6.88 -11.68 -3.17
C ASP A 32 -6.30 -11.70 -1.74
N SER A 33 -5.23 -10.91 -1.48
CA SER A 33 -4.46 -10.94 -0.20
C SER A 33 -3.27 -10.00 -0.30
N ILE A 34 -3.24 -8.93 0.48
CA ILE A 34 -2.10 -8.01 0.45
C ILE A 34 -1.61 -7.71 1.87
N GLU A 35 -0.35 -8.02 2.14
CA GLU A 35 0.22 -7.84 3.47
C GLU A 35 1.31 -6.77 3.42
N PHE A 36 1.31 -5.87 4.40
CA PHE A 36 2.17 -4.68 4.32
C PHE A 36 3.28 -4.65 5.37
N PHE A 37 4.32 -3.91 5.02
CA PHE A 37 5.49 -3.66 5.85
C PHE A 37 5.74 -2.16 5.86
N VAL A 38 6.42 -1.66 6.86
CA VAL A 38 6.74 -0.24 6.86
C VAL A 38 8.20 0.00 7.20
N ASP A 39 8.86 0.66 6.26
CA ASP A 39 10.28 0.92 6.34
C ASP A 39 10.54 2.41 6.51
N GLY A 40 10.71 2.84 7.75
CA GLY A 40 10.93 4.24 8.04
C GLY A 40 9.73 5.10 7.71
N ASP A 41 9.72 5.63 6.50
CA ASP A 41 8.62 6.49 6.03
C ASP A 41 8.05 5.87 4.78
N LYS A 42 8.24 4.58 4.64
CA LYS A 42 7.82 3.84 3.46
C LYS A 42 6.90 2.70 3.84
N ILE A 43 6.02 2.33 2.93
CA ILE A 43 5.14 1.19 3.13
C ILE A 43 5.36 0.18 2.02
N ILE A 44 5.28 -1.08 2.38
CA ILE A 44 5.63 -2.17 1.49
C ILE A 44 4.47 -3.14 1.39
N LEU A 45 4.14 -3.61 0.21
CA LEU A 45 3.03 -4.53 0.07
C LEU A 45 3.45 -5.79 -0.69
N LYS A 46 2.88 -6.91 -0.30
CA LYS A 46 3.12 -8.18 -0.97
C LYS A 46 1.83 -8.98 -1.00
N LYS A 47 1.70 -9.85 -1.99
CA LYS A 47 0.63 -10.85 -1.97
C LYS A 47 1.01 -11.92 -0.96
N TYR A 48 0.04 -12.38 -0.17
CA TYR A 48 0.33 -13.22 0.98
C TYR A 48 0.88 -14.58 0.55
N LYS A 49 0.08 -15.27 -0.26
CA LYS A 49 0.37 -16.66 -0.64
C LYS A 49 1.78 -16.86 -1.24
N PRO A 50 2.13 -16.22 -2.38
CA PRO A 50 3.40 -16.49 -3.08
C PRO A 50 4.64 -16.05 -2.30
N HIS A 51 4.47 -15.13 -1.36
CA HIS A 51 5.60 -14.63 -0.59
C HIS A 51 5.59 -15.21 0.82
N GLY A 52 4.61 -16.08 1.07
CA GLY A 52 4.53 -16.75 2.35
C GLY A 52 4.10 -15.84 3.47
N VAL A 53 4.28 -16.32 4.70
CA VAL A 53 3.91 -15.56 5.88
C VAL A 53 4.87 -14.39 6.08
N CYS A 54 4.41 -13.41 6.85
CA CYS A 54 5.21 -12.24 7.22
C CYS A 54 6.64 -12.62 7.57
N MET B 1 9.40 -11.79 8.84
CA MET B 1 8.52 -11.00 9.72
C MET B 1 8.20 -9.68 9.07
N LYS B 2 6.94 -9.25 9.19
CA LYS B 2 6.55 -7.96 8.67
C LYS B 2 6.61 -6.91 9.77
N SER B 3 6.45 -5.66 9.40
CA SER B 3 6.39 -4.58 10.36
C SER B 3 5.02 -4.57 11.01
N ILE B 4 4.01 -4.50 10.16
CA ILE B 4 2.63 -4.43 10.59
C ILE B 4 2.07 -5.84 10.76
N GLY B 5 2.46 -6.71 9.84
CA GLY B 5 2.03 -8.10 9.90
C GLY B 5 0.55 -8.26 9.65
N VAL B 6 0.00 -7.40 8.79
CA VAL B 6 -1.41 -7.45 8.48
C VAL B 6 -1.64 -7.64 6.99
N VAL B 7 -2.68 -8.37 6.66
CA VAL B 7 -3.02 -8.64 5.27
C VAL B 7 -4.43 -8.16 5.00
N ARG B 8 -4.66 -7.62 3.82
CA ARG B 8 -5.93 -7.02 3.47
C ARG B 8 -6.51 -7.68 2.25
N LYS B 9 -7.82 -7.72 2.21
CA LYS B 9 -8.52 -8.19 1.03
C LYS B 9 -9.09 -7.00 0.28
N VAL B 10 -8.80 -6.94 -1.01
CA VAL B 10 -9.26 -5.86 -1.86
C VAL B 10 -10.79 -5.79 -1.87
N ASP B 11 -11.33 -4.57 -1.83
CA ASP B 11 -12.77 -4.36 -1.96
C ASP B 11 -13.26 -4.97 -3.28
N GLU B 12 -12.97 -4.27 -4.38
CA GLU B 12 -13.19 -4.80 -5.73
C GLU B 12 -12.21 -4.10 -6.67
N LEU B 13 -12.29 -2.78 -6.66
CA LEU B 13 -11.47 -1.91 -7.51
C LEU B 13 -9.98 -2.10 -7.23
N GLY B 14 -9.69 -2.43 -5.99
CA GLY B 14 -8.31 -2.47 -5.53
C GLY B 14 -8.16 -1.72 -4.22
N ARG B 15 -9.29 -1.25 -3.69
CA ARG B 15 -9.28 -0.48 -2.47
C ARG B 15 -9.12 -1.40 -1.26
N ILE B 16 -8.12 -1.12 -0.43
CA ILE B 16 -7.88 -1.90 0.77
C ILE B 16 -7.68 -0.95 1.94
N VAL B 17 -7.43 -1.48 3.12
CA VAL B 17 -7.33 -0.64 4.30
C VAL B 17 -5.91 -0.61 4.84
N MET B 18 -5.29 0.55 4.71
CA MET B 18 -3.97 0.78 5.31
C MET B 18 -4.17 1.09 6.78
N PRO B 19 -3.25 0.68 7.65
CA PRO B 19 -3.46 0.81 9.07
C PRO B 19 -2.99 2.13 9.65
N ILE B 20 -3.42 2.40 10.88
CA ILE B 20 -2.94 3.54 11.65
C ILE B 20 -1.42 3.59 11.64
N GLU B 21 -0.79 2.43 11.57
CA GLU B 21 0.67 2.32 11.50
C GLU B 21 1.21 3.13 10.33
N LEU B 22 0.48 3.08 9.21
CA LEU B 22 0.87 3.80 8.01
C LEU B 22 0.69 5.29 8.24
N ARG B 23 -0.44 5.63 8.85
CA ARG B 23 -0.73 7.00 9.21
C ARG B 23 0.39 7.60 10.06
N ARG B 24 0.69 6.90 11.15
CA ARG B 24 1.77 7.27 12.06
C ARG B 24 3.11 7.34 11.35
N ALA B 25 3.42 6.29 10.60
CA ALA B 25 4.64 6.24 9.80
C ALA B 25 4.82 7.50 8.97
N LEU B 26 3.78 7.86 8.24
CA LEU B 26 3.86 8.98 7.31
C LEU B 26 3.40 10.28 7.99
N ASP B 27 2.17 10.69 7.72
CA ASP B 27 1.62 11.93 8.24
C ASP B 27 0.10 11.90 8.24
N ILE B 28 -0.48 10.72 8.03
CA ILE B 28 -1.89 10.61 7.68
C ILE B 28 -2.78 11.12 8.79
N ALA B 29 -3.58 12.12 8.46
CA ALA B 29 -4.49 12.73 9.41
C ALA B 29 -5.88 12.12 9.29
N ILE B 30 -6.32 12.01 8.05
CA ILE B 30 -7.61 11.38 7.75
C ILE B 30 -7.66 10.99 6.28
N LYS B 31 -7.04 11.81 5.42
CA LYS B 31 -6.91 11.48 4.01
C LYS B 31 -5.44 11.58 3.59
N ASP B 32 -4.81 12.66 4.02
CA ASP B 32 -3.39 12.94 3.79
C ASP B 32 -2.98 12.81 2.32
N SER B 33 -2.24 11.73 2.00
CA SER B 33 -1.58 11.57 0.70
C SER B 33 -0.77 10.27 0.71
N ILE B 34 -1.09 9.33 -0.16
CA ILE B 34 -0.25 8.14 -0.27
C ILE B 34 0.01 7.81 -1.74
N GLU B 35 1.27 7.87 -2.12
CA GLU B 35 1.66 7.63 -3.51
C GLU B 35 2.42 6.31 -3.59
N PHE B 36 2.08 5.46 -4.55
CA PHE B 36 2.67 4.11 -4.55
C PHE B 36 3.50 3.78 -5.81
N PHE B 37 4.42 2.84 -5.56
CA PHE B 37 5.39 2.34 -6.53
C PHE B 37 5.29 0.82 -6.53
N VAL B 38 5.70 0.19 -7.60
CA VAL B 38 5.70 -1.27 -7.65
C VAL B 38 7.07 -1.79 -8.05
N ASP B 39 7.53 -2.78 -7.32
CA ASP B 39 8.85 -3.34 -7.53
C ASP B 39 8.76 -4.85 -7.70
N GLY B 40 8.66 -5.29 -8.95
CA GLY B 40 8.57 -6.71 -9.25
C GLY B 40 7.28 -7.34 -8.77
N ASP B 41 7.28 -7.73 -7.50
CA ASP B 41 6.12 -8.33 -6.86
C ASP B 41 5.83 -7.60 -5.57
N LYS B 42 6.31 -6.36 -5.50
CA LYS B 42 6.21 -5.57 -4.30
C LYS B 42 5.51 -4.23 -4.58
N ILE B 43 4.92 -3.66 -3.54
CA ILE B 43 4.31 -2.34 -3.63
C ILE B 43 4.97 -1.43 -2.60
N ILE B 44 5.12 -0.16 -2.94
CA ILE B 44 5.82 0.80 -2.08
C ILE B 44 5.01 2.08 -1.94
N LEU B 45 4.78 2.53 -0.71
CA LEU B 45 3.95 3.70 -0.49
C LEU B 45 4.72 4.79 0.23
N LYS B 46 4.36 6.04 -0.08
CA LYS B 46 4.98 7.22 0.52
C LYS B 46 3.95 8.31 0.65
N LYS B 47 4.13 9.19 1.62
CA LYS B 47 3.33 10.41 1.66
C LYS B 47 3.88 11.35 0.60
N TYR B 48 2.99 12.02 -0.11
CA TYR B 48 3.37 12.80 -1.27
C TYR B 48 4.34 13.94 -0.91
N LYS B 49 3.89 14.84 -0.06
CA LYS B 49 4.60 16.09 0.22
C LYS B 49 6.07 15.89 0.66
N PRO B 50 6.34 15.18 1.80
CA PRO B 50 7.69 15.10 2.37
C PRO B 50 8.69 14.42 1.43
N HIS B 51 8.24 13.47 0.65
CA HIS B 51 9.13 12.72 -0.22
C HIS B 51 9.09 13.27 -1.64
N GLY B 52 8.42 14.40 -1.81
CA GLY B 52 8.37 15.08 -3.09
C GLY B 52 7.51 14.38 -4.11
N VAL B 53 7.70 14.73 -5.37
CA VAL B 53 6.91 14.16 -6.45
C VAL B 53 7.41 12.75 -6.77
N CYS B 54 6.64 12.05 -7.59
CA CYS B 54 6.99 10.73 -8.08
C CYS B 54 8.48 10.59 -8.35
N MET A 1 5.36 10.71 -9.38
CA MET A 1 5.04 10.06 -10.68
C MET A 1 5.48 8.60 -10.66
N LYS A 2 6.57 8.32 -9.93
CA LYS A 2 6.99 6.95 -9.55
C LYS A 2 6.76 5.88 -10.62
N SER A 3 6.60 4.64 -10.17
CA SER A 3 6.21 3.56 -11.06
C SER A 3 4.75 3.70 -11.45
N ILE A 4 3.90 3.66 -10.43
CA ILE A 4 2.47 3.83 -10.62
C ILE A 4 2.14 5.31 -10.58
N GLY A 5 2.83 6.02 -9.70
CA GLY A 5 2.72 7.47 -9.62
C GLY A 5 1.33 7.92 -9.28
N VAL A 6 0.69 7.16 -8.44
CA VAL A 6 -0.64 7.49 -8.00
C VAL A 6 -0.65 7.74 -6.51
N VAL A 7 -1.30 8.84 -6.15
CA VAL A 7 -1.36 9.26 -4.77
C VAL A 7 -2.81 9.31 -4.31
N ARG A 8 -3.08 8.65 -3.21
CA ARG A 8 -4.44 8.43 -2.75
C ARG A 8 -4.67 9.20 -1.49
N LYS A 9 -5.91 9.59 -1.27
CA LYS A 9 -6.30 10.20 -0.02
C LYS A 9 -7.16 9.22 0.75
N VAL A 10 -6.74 8.94 1.98
CA VAL A 10 -7.39 7.95 2.84
C VAL A 10 -8.87 8.26 3.05
N ASP A 11 -9.67 7.21 3.19
CA ASP A 11 -11.07 7.33 3.56
C ASP A 11 -11.20 8.11 4.88
N GLU A 12 -11.05 7.41 6.00
CA GLU A 12 -10.97 8.00 7.33
C GLU A 12 -10.17 7.06 8.23
N LEU A 13 -10.42 5.77 8.06
CA LEU A 13 -9.75 4.73 8.84
C LEU A 13 -8.32 4.53 8.37
N GLY A 14 -8.13 4.64 7.08
CA GLY A 14 -6.86 4.31 6.47
C GLY A 14 -7.07 3.60 5.14
N ARG A 15 -8.32 3.39 4.77
CA ARG A 15 -8.65 2.70 3.54
C ARG A 15 -8.36 3.58 2.33
N ILE A 16 -7.61 3.04 1.39
CA ILE A 16 -7.32 3.75 0.15
C ILE A 16 -7.55 2.81 -1.02
N VAL A 17 -7.35 3.27 -2.23
CA VAL A 17 -7.60 2.44 -3.40
C VAL A 17 -6.29 2.11 -4.10
N MET A 18 -5.91 0.85 -4.04
CA MET A 18 -4.76 0.36 -4.78
C MET A 18 -5.19 0.11 -6.22
N PRO A 19 -4.27 0.18 -7.18
CA PRO A 19 -4.62 0.11 -8.57
C PRO A 19 -4.62 -1.31 -9.14
N ILE A 20 -5.21 -1.44 -10.32
CA ILE A 20 -5.20 -2.69 -11.06
C ILE A 20 -3.76 -3.15 -11.28
N GLU A 21 -2.86 -2.18 -11.40
CA GLU A 21 -1.43 -2.47 -11.57
C GLU A 21 -0.92 -3.31 -10.42
N LEU A 22 -1.45 -3.05 -9.24
CA LEU A 22 -1.08 -3.79 -8.05
C LEU A 22 -1.60 -5.20 -8.13
N ARG A 23 -2.87 -5.33 -8.50
CA ARG A 23 -3.47 -6.65 -8.65
C ARG A 23 -2.71 -7.49 -9.69
N ARG A 24 -2.41 -6.85 -10.82
CA ARG A 24 -1.64 -7.46 -11.90
C ARG A 24 -0.24 -7.86 -11.44
N ALA A 25 0.48 -6.89 -10.87
CA ALA A 25 1.82 -7.13 -10.36
C ALA A 25 1.85 -8.31 -9.40
N LEU A 26 0.85 -8.35 -8.55
CA LEU A 26 0.76 -9.36 -7.52
C LEU A 26 0.04 -10.61 -8.01
N ASP A 27 -1.23 -10.73 -7.67
CA ASP A 27 -1.99 -11.95 -7.88
C ASP A 27 -3.41 -11.76 -7.36
N ILE A 28 -3.89 -10.53 -7.47
CA ILE A 28 -5.20 -10.18 -6.94
C ILE A 28 -6.26 -10.29 -8.02
N ALA A 29 -7.39 -10.90 -7.67
CA ALA A 29 -8.47 -11.09 -8.63
C ALA A 29 -9.56 -10.05 -8.42
N ILE A 30 -10.14 -10.07 -7.24
CA ILE A 30 -11.20 -9.15 -6.90
C ILE A 30 -11.00 -8.68 -5.47
N LYS A 31 -10.44 -9.58 -4.68
CA LYS A 31 -10.06 -9.29 -3.33
C LYS A 31 -8.61 -9.67 -3.13
N ASP A 32 -8.37 -10.98 -3.13
CA ASP A 32 -7.07 -11.58 -2.82
C ASP A 32 -6.32 -10.93 -1.63
N SER A 33 -5.20 -11.53 -1.26
CA SER A 33 -4.46 -11.12 -0.07
C SER A 33 -3.29 -10.18 -0.38
N ILE A 34 -3.19 -9.07 0.37
CA ILE A 34 -2.03 -8.18 0.30
C ILE A 34 -1.56 -7.83 1.71
N GLU A 35 -0.28 -8.07 2.00
CA GLU A 35 0.27 -7.87 3.35
C GLU A 35 1.37 -6.80 3.29
N PHE A 36 1.38 -5.91 4.29
CA PHE A 36 2.24 -4.73 4.21
C PHE A 36 3.38 -4.72 5.24
N PHE A 37 4.43 -4.01 4.86
CA PHE A 37 5.62 -3.77 5.67
C PHE A 37 5.80 -2.27 5.81
N VAL A 38 6.58 -1.85 6.78
CA VAL A 38 6.89 -0.43 6.89
C VAL A 38 8.38 -0.22 7.13
N ASP A 39 8.98 0.52 6.22
CA ASP A 39 10.42 0.75 6.20
C ASP A 39 10.73 2.24 6.34
N GLY A 40 11.00 2.67 7.57
CA GLY A 40 11.32 4.05 7.83
C GLY A 40 10.11 4.96 7.63
N ASP A 41 9.97 5.46 6.41
CA ASP A 41 8.83 6.30 6.05
C ASP A 41 8.18 5.69 4.82
N LYS A 42 8.35 4.40 4.67
CA LYS A 42 7.87 3.69 3.50
C LYS A 42 6.97 2.55 3.89
N ILE A 43 6.08 2.19 2.99
CA ILE A 43 5.21 1.05 3.17
C ILE A 43 5.43 0.05 2.05
N ILE A 44 5.40 -1.22 2.37
CA ILE A 44 5.69 -2.28 1.42
C ILE A 44 4.50 -3.20 1.30
N LEU A 45 4.13 -3.59 0.10
CA LEU A 45 3.01 -4.50 -0.07
C LEU A 45 3.42 -5.71 -0.86
N LYS A 46 2.99 -6.88 -0.41
CA LYS A 46 3.25 -8.11 -1.12
C LYS A 46 2.09 -9.08 -0.92
N LYS A 47 1.85 -9.91 -1.90
CA LYS A 47 0.75 -10.86 -1.84
C LYS A 47 1.06 -11.96 -0.83
N TYR A 48 0.03 -12.55 -0.22
CA TYR A 48 0.22 -13.50 0.87
C TYR A 48 0.97 -14.73 0.38
N LYS A 49 0.46 -15.30 -0.70
CA LYS A 49 1.05 -16.48 -1.33
C LYS A 49 2.52 -16.25 -1.74
N PRO A 50 2.82 -15.30 -2.65
CA PRO A 50 4.20 -15.03 -3.08
C PRO A 50 5.09 -14.51 -1.95
N HIS A 51 5.93 -15.40 -1.45
CA HIS A 51 6.89 -15.08 -0.39
C HIS A 51 6.22 -14.70 0.91
N GLY A 52 5.91 -15.72 1.73
CA GLY A 52 5.38 -15.48 3.05
C GLY A 52 6.48 -15.10 4.02
N VAL A 53 7.10 -13.98 3.72
CA VAL A 53 8.22 -13.49 4.51
C VAL A 53 7.77 -12.33 5.40
N CYS A 54 8.37 -12.23 6.57
CA CYS A 54 8.10 -11.15 7.48
C CYS A 54 8.87 -9.90 7.04
N MET B 1 3.71 -11.84 8.86
CA MET B 1 3.78 -11.12 10.15
C MET B 1 4.51 -9.79 10.01
N LYS B 2 5.54 -9.77 9.15
CA LYS B 2 6.18 -8.52 8.68
C LYS B 2 6.40 -7.48 9.79
N SER B 3 6.47 -6.22 9.37
CA SER B 3 6.46 -5.10 10.30
C SER B 3 5.05 -4.91 10.85
N ILE B 4 4.12 -4.74 9.93
CA ILE B 4 2.73 -4.56 10.27
C ILE B 4 2.05 -5.91 10.31
N GLY B 5 2.37 -6.72 9.31
CA GLY B 5 1.90 -8.10 9.25
C GLY B 5 0.41 -8.19 9.12
N VAL B 6 -0.17 -7.21 8.48
CA VAL B 6 -1.59 -7.22 8.21
C VAL B 6 -1.82 -7.48 6.73
N VAL B 7 -2.73 -8.38 6.46
CA VAL B 7 -3.04 -8.73 5.09
C VAL B 7 -4.47 -8.31 4.79
N ARG B 8 -4.67 -7.72 3.63
CA ARG B 8 -5.94 -7.13 3.27
C ARG B 8 -6.53 -7.84 2.08
N LYS B 9 -7.83 -7.93 2.07
CA LYS B 9 -8.54 -8.38 0.90
C LYS B 9 -9.12 -7.19 0.17
N VAL B 10 -8.79 -7.05 -1.10
CA VAL B 10 -9.28 -5.95 -1.91
C VAL B 10 -10.81 -5.91 -1.94
N ASP B 11 -11.37 -4.70 -1.90
CA ASP B 11 -12.81 -4.54 -2.08
C ASP B 11 -13.26 -5.15 -3.40
N GLU B 12 -13.08 -4.39 -4.47
CA GLU B 12 -13.31 -4.89 -5.83
C GLU B 12 -12.35 -4.20 -6.78
N LEU B 13 -12.32 -2.87 -6.68
CA LEU B 13 -11.50 -2.03 -7.54
C LEU B 13 -10.02 -2.18 -7.23
N GLY B 14 -9.73 -2.52 -5.99
CA GLY B 14 -8.36 -2.54 -5.51
C GLY B 14 -8.24 -1.78 -4.21
N ARG B 15 -9.37 -1.28 -3.73
CA ARG B 15 -9.39 -0.52 -2.49
C ARG B 15 -9.19 -1.46 -1.30
N ILE B 16 -8.24 -1.13 -0.44
CA ILE B 16 -7.99 -1.91 0.77
C ILE B 16 -7.81 -0.95 1.94
N VAL B 17 -7.55 -1.49 3.12
CA VAL B 17 -7.44 -0.65 4.31
C VAL B 17 -6.01 -0.60 4.83
N MET B 18 -5.40 0.56 4.69
CA MET B 18 -4.08 0.81 5.24
C MET B 18 -4.24 1.13 6.73
N PRO B 19 -3.26 0.79 7.56
CA PRO B 19 -3.42 0.93 9.00
C PRO B 19 -2.99 2.30 9.53
N ILE B 20 -3.44 2.59 10.74
CA ILE B 20 -3.03 3.78 11.46
C ILE B 20 -1.50 3.84 11.55
N GLU B 21 -0.87 2.68 11.58
CA GLU B 21 0.57 2.59 11.64
C GLU B 21 1.19 3.24 10.40
N LEU B 22 0.45 3.20 9.30
CA LEU B 22 0.87 3.85 8.08
C LEU B 22 0.68 5.35 8.20
N ARG B 23 -0.47 5.74 8.75
CA ARG B 23 -0.77 7.15 8.93
C ARG B 23 0.26 7.80 9.85
N ARG B 24 0.56 7.13 10.95
CA ARG B 24 1.59 7.54 11.89
C ARG B 24 2.96 7.57 11.23
N ALA B 25 3.29 6.48 10.52
CA ALA B 25 4.55 6.37 9.79
C ALA B 25 4.82 7.58 8.93
N LEU B 26 3.85 7.94 8.12
CA LEU B 26 4.01 8.98 7.13
C LEU B 26 3.61 10.34 7.70
N ASP B 27 2.32 10.67 7.55
CA ASP B 27 1.79 11.98 7.89
C ASP B 27 0.35 12.05 7.42
N ILE B 28 -0.44 11.05 7.81
CA ILE B 28 -1.82 10.95 7.35
C ILE B 28 -2.75 11.28 8.50
N ALA B 29 -3.60 12.28 8.29
CA ALA B 29 -4.44 12.79 9.34
C ALA B 29 -5.81 12.12 9.33
N ILE B 30 -6.42 12.14 8.18
CA ILE B 30 -7.72 11.51 7.98
C ILE B 30 -7.81 11.01 6.55
N LYS B 31 -7.22 11.77 5.64
CA LYS B 31 -7.08 11.34 4.27
C LYS B 31 -5.61 11.35 3.90
N ASP B 32 -5.05 12.56 3.89
CA ASP B 32 -3.68 12.82 3.44
C ASP B 32 -3.23 12.05 2.20
N SER B 33 -2.01 12.34 1.79
CA SER B 33 -1.43 11.79 0.57
C SER B 33 -0.71 10.46 0.79
N ILE B 34 -0.94 9.50 -0.09
CA ILE B 34 -0.07 8.33 -0.16
C ILE B 34 0.17 7.96 -1.62
N GLU B 35 1.42 7.94 -2.05
CA GLU B 35 1.78 7.66 -3.44
C GLU B 35 2.52 6.33 -3.50
N PHE B 36 2.16 5.48 -4.45
CA PHE B 36 2.74 4.13 -4.47
C PHE B 36 3.66 3.86 -5.68
N PHE B 37 4.55 2.91 -5.44
CA PHE B 37 5.58 2.45 -6.37
C PHE B 37 5.46 0.94 -6.46
N VAL B 38 5.99 0.36 -7.51
CA VAL B 38 5.97 -1.09 -7.65
C VAL B 38 7.38 -1.62 -7.91
N ASP B 39 7.75 -2.62 -7.13
CA ASP B 39 9.11 -3.15 -7.17
C ASP B 39 9.07 -4.66 -7.40
N GLY B 40 9.17 -5.06 -8.65
CA GLY B 40 9.07 -6.47 -9.00
C GLY B 40 7.70 -7.05 -8.70
N ASP B 41 7.56 -7.56 -7.49
CA ASP B 41 6.30 -8.14 -7.03
C ASP B 41 5.87 -7.42 -5.76
N LYS B 42 6.41 -6.23 -5.58
CA LYS B 42 6.22 -5.47 -4.37
C LYS B 42 5.55 -4.13 -4.66
N ILE B 43 4.90 -3.58 -3.66
CA ILE B 43 4.32 -2.26 -3.73
C ILE B 43 4.96 -1.38 -2.66
N ILE B 44 5.17 -0.11 -2.96
CA ILE B 44 5.86 0.80 -2.05
C ILE B 44 5.03 2.07 -1.87
N LEU B 45 4.80 2.48 -0.63
CA LEU B 45 3.97 3.64 -0.38
C LEU B 45 4.73 4.70 0.40
N LYS B 46 4.49 5.96 0.05
CA LYS B 46 5.07 7.08 0.78
C LYS B 46 4.19 8.31 0.61
N LYS B 47 4.17 9.17 1.62
CA LYS B 47 3.35 10.39 1.56
C LYS B 47 3.94 11.36 0.53
N TYR B 48 3.07 12.15 -0.09
CA TYR B 48 3.45 12.99 -1.23
C TYR B 48 4.60 13.94 -0.88
N LYS B 49 4.41 14.74 0.16
CA LYS B 49 5.41 15.73 0.58
C LYS B 49 6.76 15.09 0.95
N PRO B 50 6.80 14.15 1.94
CA PRO B 50 8.06 13.48 2.31
C PRO B 50 8.65 12.70 1.13
N HIS B 51 9.73 13.22 0.58
CA HIS B 51 10.38 12.64 -0.60
C HIS B 51 9.43 12.63 -1.80
N GLY B 52 9.33 13.77 -2.48
CA GLY B 52 8.54 13.81 -3.69
C GLY B 52 9.31 13.27 -4.86
N VAL B 53 9.72 12.02 -4.72
CA VAL B 53 10.58 11.36 -5.69
C VAL B 53 9.85 10.24 -6.40
N CYS B 54 10.21 10.03 -7.65
CA CYS B 54 9.62 9.00 -8.47
C CYS B 54 10.42 7.71 -8.33
N MET A 1 10.57 8.80 -10.90
CA MET A 1 11.12 7.44 -10.83
C MET A 1 10.07 6.41 -10.39
N LYS A 2 8.89 6.88 -9.99
CA LYS A 2 7.86 5.97 -9.49
C LYS A 2 7.31 5.10 -10.61
N SER A 3 6.71 4.01 -10.22
CA SER A 3 6.21 3.03 -11.16
C SER A 3 4.83 3.42 -11.66
N ILE A 4 3.93 3.63 -10.72
CA ILE A 4 2.55 3.91 -11.04
C ILE A 4 2.32 5.41 -11.11
N GLY A 5 3.11 6.15 -10.33
CA GLY A 5 2.97 7.59 -10.28
C GLY A 5 1.62 8.02 -9.77
N VAL A 6 1.12 7.28 -8.79
CA VAL A 6 -0.22 7.54 -8.27
C VAL A 6 -0.19 7.78 -6.77
N VAL A 7 -1.02 8.73 -6.36
CA VAL A 7 -1.15 9.10 -4.97
C VAL A 7 -2.62 9.07 -4.57
N ARG A 8 -2.91 8.54 -3.39
CA ARG A 8 -4.27 8.35 -2.95
C ARG A 8 -4.53 9.18 -1.71
N LYS A 9 -5.78 9.51 -1.50
CA LYS A 9 -6.20 10.12 -0.25
C LYS A 9 -7.01 9.12 0.55
N VAL A 10 -6.61 8.93 1.80
CA VAL A 10 -7.28 8.01 2.71
C VAL A 10 -8.77 8.34 2.85
N ASP A 11 -9.61 7.32 3.01
CA ASP A 11 -11.02 7.52 3.35
C ASP A 11 -11.14 8.37 4.60
N GLU A 12 -11.03 7.69 5.74
CA GLU A 12 -10.97 8.31 7.06
C GLU A 12 -10.21 7.40 8.01
N LEU A 13 -10.49 6.12 7.86
CA LEU A 13 -9.90 5.07 8.69
C LEU A 13 -8.44 4.82 8.31
N GLY A 14 -8.18 4.84 7.01
CA GLY A 14 -6.88 4.47 6.51
C GLY A 14 -6.99 3.72 5.21
N ARG A 15 -8.22 3.45 4.79
CA ARG A 15 -8.47 2.72 3.56
C ARG A 15 -8.18 3.61 2.36
N ILE A 16 -7.47 3.06 1.39
CA ILE A 16 -7.23 3.76 0.14
C ILE A 16 -7.46 2.80 -1.01
N VAL A 17 -7.27 3.28 -2.23
CA VAL A 17 -7.59 2.46 -3.38
C VAL A 17 -6.34 2.11 -4.15
N MET A 18 -5.89 0.87 -3.99
CA MET A 18 -4.74 0.38 -4.74
C MET A 18 -5.21 0.07 -6.15
N PRO A 19 -4.38 0.28 -7.16
CA PRO A 19 -4.83 0.23 -8.53
C PRO A 19 -4.81 -1.18 -9.10
N ILE A 20 -5.52 -1.35 -10.21
CA ILE A 20 -5.47 -2.57 -10.98
C ILE A 20 -4.02 -2.97 -11.25
N GLU A 21 -3.15 -1.98 -11.38
CA GLU A 21 -1.72 -2.21 -11.58
C GLU A 21 -1.15 -3.08 -10.47
N LEU A 22 -1.64 -2.85 -9.26
CA LEU A 22 -1.20 -3.59 -8.10
C LEU A 22 -1.71 -5.02 -8.18
N ARG A 23 -2.98 -5.15 -8.55
CA ARG A 23 -3.57 -6.48 -8.70
C ARG A 23 -2.83 -7.29 -9.76
N ARG A 24 -2.61 -6.64 -10.90
CA ARG A 24 -1.88 -7.23 -12.01
C ARG A 24 -0.46 -7.60 -11.62
N ALA A 25 0.27 -6.63 -11.06
CA ALA A 25 1.64 -6.86 -10.61
C ALA A 25 1.72 -8.06 -9.69
N LEU A 26 0.80 -8.13 -8.76
CA LEU A 26 0.80 -9.16 -7.74
C LEU A 26 0.13 -10.44 -8.23
N ASP A 27 -1.17 -10.54 -7.99
CA ASP A 27 -1.92 -11.75 -8.32
C ASP A 27 -3.38 -11.57 -7.91
N ILE A 28 -3.78 -10.33 -7.65
CA ILE A 28 -5.08 -10.05 -7.07
C ILE A 28 -6.17 -10.16 -8.12
N ALA A 29 -7.27 -10.82 -7.77
CA ALA A 29 -8.40 -10.93 -8.66
C ALA A 29 -9.49 -9.96 -8.25
N ILE A 30 -9.95 -10.10 -7.02
CA ILE A 30 -11.04 -9.29 -6.51
C ILE A 30 -10.80 -8.92 -5.05
N LYS A 31 -10.16 -9.82 -4.31
CA LYS A 31 -9.80 -9.56 -2.92
C LYS A 31 -8.37 -10.03 -2.65
N ASP A 32 -8.07 -11.23 -3.14
CA ASP A 32 -6.76 -11.86 -3.02
C ASP A 32 -6.15 -11.80 -1.60
N SER A 33 -5.13 -10.94 -1.39
CA SER A 33 -4.32 -10.90 -0.14
C SER A 33 -3.16 -9.91 -0.31
N ILE A 34 -3.13 -8.84 0.48
CA ILE A 34 -2.01 -7.89 0.41
C ILE A 34 -1.46 -7.61 1.81
N GLU A 35 -0.21 -7.93 2.05
CA GLU A 35 0.40 -7.78 3.38
C GLU A 35 1.47 -6.69 3.33
N PHE A 36 1.49 -5.82 4.34
CA PHE A 36 2.33 -4.62 4.29
C PHE A 36 3.48 -4.64 5.29
N PHE A 37 4.52 -3.92 4.91
CA PHE A 37 5.70 -3.64 5.72
C PHE A 37 5.81 -2.13 5.86
N VAL A 38 6.44 -1.66 6.91
CA VAL A 38 6.71 -0.24 7.01
C VAL A 38 8.16 0.02 7.42
N ASP A 39 8.85 0.73 6.55
CA ASP A 39 10.26 1.02 6.74
C ASP A 39 10.45 2.51 6.93
N GLY A 40 10.49 2.94 8.19
CA GLY A 40 10.66 4.34 8.50
C GLY A 40 9.49 5.20 8.02
N ASP A 41 9.58 5.65 6.78
CA ASP A 41 8.54 6.49 6.20
C ASP A 41 8.01 5.84 4.92
N LYS A 42 8.24 4.55 4.80
CA LYS A 42 7.83 3.81 3.62
C LYS A 42 6.94 2.64 3.97
N ILE A 43 6.08 2.26 3.04
CA ILE A 43 5.22 1.11 3.21
C ILE A 43 5.48 0.12 2.07
N ILE A 44 5.42 -1.16 2.39
CA ILE A 44 5.74 -2.21 1.43
C ILE A 44 4.55 -3.16 1.30
N LEU A 45 4.18 -3.55 0.10
CA LEU A 45 3.04 -4.43 -0.07
C LEU A 45 3.43 -5.67 -0.85
N LYS A 46 2.80 -6.77 -0.50
CA LYS A 46 2.99 -8.03 -1.19
C LYS A 46 1.71 -8.83 -1.18
N LYS A 47 1.61 -9.80 -2.05
CA LYS A 47 0.56 -10.80 -1.95
C LYS A 47 1.03 -11.85 -0.94
N TYR A 48 0.10 -12.48 -0.23
CA TYR A 48 0.45 -13.37 0.88
C TYR A 48 1.18 -14.61 0.36
N LYS A 49 0.56 -15.28 -0.60
CA LYS A 49 1.08 -16.55 -1.14
C LYS A 49 2.54 -16.48 -1.63
N PRO A 50 2.90 -15.50 -2.51
CA PRO A 50 4.27 -15.39 -3.05
C PRO A 50 5.38 -15.55 -2.01
N HIS A 51 5.10 -15.10 -0.80
CA HIS A 51 6.03 -15.31 0.32
C HIS A 51 5.22 -15.61 1.57
N GLY A 52 4.97 -16.90 1.81
CA GLY A 52 4.09 -17.33 2.87
C GLY A 52 4.71 -17.23 4.25
N VAL A 53 4.91 -16.01 4.67
CA VAL A 53 5.46 -15.66 5.98
C VAL A 53 5.70 -14.17 6.01
N CYS A 54 5.47 -13.55 7.15
CA CYS A 54 5.58 -12.11 7.28
C CYS A 54 6.93 -11.60 6.81
N MET B 1 9.01 -11.41 9.80
CA MET B 1 9.88 -10.23 9.80
C MET B 1 9.16 -8.99 9.25
N LYS B 2 7.84 -9.09 9.05
CA LYS B 2 7.07 -7.91 8.67
C LYS B 2 7.13 -6.85 9.75
N SER B 3 6.69 -5.67 9.41
CA SER B 3 6.61 -4.59 10.36
C SER B 3 5.26 -4.61 11.05
N ILE B 4 4.21 -4.67 10.23
CA ILE B 4 2.86 -4.62 10.72
C ILE B 4 2.31 -6.03 10.89
N GLY B 5 2.65 -6.89 9.94
CA GLY B 5 2.18 -8.26 9.95
C GLY B 5 0.70 -8.34 9.64
N VAL B 6 0.23 -7.43 8.80
CA VAL B 6 -1.17 -7.39 8.44
C VAL B 6 -1.36 -7.61 6.95
N VAL B 7 -2.43 -8.31 6.61
CA VAL B 7 -2.77 -8.59 5.23
C VAL B 7 -4.21 -8.17 4.97
N ARG B 8 -4.46 -7.61 3.79
CA ARG B 8 -5.75 -7.04 3.46
C ARG B 8 -6.35 -7.76 2.29
N LYS B 9 -7.66 -7.80 2.26
CA LYS B 9 -8.38 -8.31 1.11
C LYS B 9 -9.00 -7.15 0.35
N VAL B 10 -8.70 -7.07 -0.93
CA VAL B 10 -9.22 -6.01 -1.79
C VAL B 10 -10.75 -5.99 -1.75
N ASP B 11 -11.32 -4.79 -1.76
CA ASP B 11 -12.76 -4.64 -1.89
C ASP B 11 -13.23 -5.34 -3.15
N GLU B 12 -13.11 -4.64 -4.28
CA GLU B 12 -13.38 -5.20 -5.59
C GLU B 12 -12.48 -4.51 -6.61
N LEU B 13 -12.48 -3.18 -6.54
CA LEU B 13 -11.70 -2.34 -7.43
C LEU B 13 -10.20 -2.47 -7.18
N GLY B 14 -9.85 -2.67 -5.93
CA GLY B 14 -8.46 -2.65 -5.53
C GLY B 14 -8.27 -1.88 -4.24
N ARG B 15 -9.37 -1.35 -3.72
CA ARG B 15 -9.35 -0.60 -2.49
C ARG B 15 -9.09 -1.53 -1.32
N ILE B 16 -8.14 -1.17 -0.47
CA ILE B 16 -7.90 -1.93 0.75
C ILE B 16 -7.73 -0.96 1.92
N VAL B 17 -7.49 -1.49 3.10
CA VAL B 17 -7.44 -0.66 4.29
C VAL B 17 -6.03 -0.65 4.87
N MET B 18 -5.34 0.46 4.65
CA MET B 18 -4.03 0.65 5.23
C MET B 18 -4.23 1.09 6.67
N PRO B 19 -3.39 0.64 7.61
CA PRO B 19 -3.69 0.80 9.01
C PRO B 19 -3.25 2.16 9.56
N ILE B 20 -3.78 2.47 10.73
CA ILE B 20 -3.34 3.63 11.49
C ILE B 20 -1.82 3.64 11.59
N GLU B 21 -1.22 2.47 11.61
CA GLU B 21 0.23 2.30 11.63
C GLU B 21 0.87 3.07 10.49
N LEU B 22 0.21 3.02 9.34
CA LEU B 22 0.69 3.69 8.15
C LEU B 22 0.49 5.19 8.31
N ARG B 23 -0.65 5.56 8.86
CA ARG B 23 -0.94 6.97 9.10
C ARG B 23 0.09 7.56 10.05
N ARG B 24 0.30 6.89 11.17
CA ARG B 24 1.33 7.24 12.14
C ARG B 24 2.71 7.29 11.50
N ALA B 25 3.07 6.21 10.80
CA ALA B 25 4.34 6.10 10.10
C ALA B 25 4.64 7.33 9.25
N LEU B 26 3.68 7.70 8.42
CA LEU B 26 3.88 8.78 7.48
C LEU B 26 3.48 10.12 8.11
N ASP B 27 2.20 10.47 7.98
CA ASP B 27 1.68 11.73 8.52
C ASP B 27 0.18 11.84 8.24
N ILE B 28 -0.46 10.69 8.01
CA ILE B 28 -1.83 10.67 7.53
C ILE B 28 -2.79 11.07 8.63
N ALA B 29 -3.59 12.09 8.37
CA ALA B 29 -4.52 12.58 9.35
C ALA B 29 -5.89 11.98 9.10
N ILE B 30 -6.38 12.15 7.89
CA ILE B 30 -7.68 11.63 7.51
C ILE B 30 -7.68 11.23 6.04
N LYS B 31 -6.93 11.96 5.21
CA LYS B 31 -6.78 11.62 3.80
C LYS B 31 -5.30 11.70 3.41
N ASP B 32 -4.66 12.76 3.88
CA ASP B 32 -3.23 13.02 3.66
C ASP B 32 -2.79 12.87 2.21
N SER B 33 -2.08 11.77 1.88
CA SER B 33 -1.42 11.56 0.58
C SER B 33 -0.62 10.26 0.62
N ILE B 34 -0.97 9.27 -0.21
CA ILE B 34 -0.18 8.05 -0.27
C ILE B 34 0.14 7.69 -1.72
N GLU B 35 1.42 7.72 -2.05
CA GLU B 35 1.86 7.52 -3.43
C GLU B 35 2.62 6.20 -3.55
N PHE B 36 2.21 5.33 -4.48
CA PHE B 36 2.81 3.99 -4.52
C PHE B 36 3.66 3.70 -5.77
N PHE B 37 4.58 2.79 -5.54
CA PHE B 37 5.54 2.28 -6.52
C PHE B 37 5.39 0.76 -6.57
N VAL B 38 5.72 0.16 -7.68
CA VAL B 38 5.68 -1.29 -7.77
C VAL B 38 7.00 -1.83 -8.29
N ASP B 39 7.55 -2.78 -7.54
CA ASP B 39 8.83 -3.36 -7.86
C ASP B 39 8.68 -4.85 -8.09
N GLY B 40 8.50 -5.25 -9.34
CA GLY B 40 8.28 -6.65 -9.67
C GLY B 40 6.98 -7.18 -9.10
N ASP B 41 7.04 -7.62 -7.85
CA ASP B 41 5.90 -8.17 -7.16
C ASP B 41 5.77 -7.51 -5.79
N LYS B 42 6.28 -6.29 -5.69
CA LYS B 42 6.21 -5.53 -4.45
C LYS B 42 5.58 -4.16 -4.69
N ILE B 43 4.95 -3.62 -3.67
CA ILE B 43 4.37 -2.28 -3.73
C ILE B 43 5.04 -1.41 -2.67
N ILE B 44 5.22 -0.14 -2.98
CA ILE B 44 5.92 0.80 -2.11
C ILE B 44 5.10 2.07 -1.91
N LEU B 45 4.86 2.47 -0.67
CA LEU B 45 3.99 3.60 -0.40
C LEU B 45 4.77 4.69 0.32
N LYS B 46 4.50 5.94 -0.04
CA LYS B 46 5.07 7.08 0.69
C LYS B 46 4.14 8.28 0.58
N LYS B 47 4.09 9.08 1.64
CA LYS B 47 3.33 10.32 1.62
C LYS B 47 3.99 11.27 0.61
N TYR B 48 3.18 12.07 -0.06
CA TYR B 48 3.68 12.89 -1.17
C TYR B 48 4.72 13.91 -0.69
N LYS B 49 4.35 14.72 0.29
CA LYS B 49 5.20 15.79 0.80
C LYS B 49 6.64 15.35 1.14
N PRO B 50 6.83 14.29 1.98
CA PRO B 50 8.18 13.80 2.37
C PRO B 50 9.17 13.76 1.21
N HIS B 51 8.69 13.39 0.04
CA HIS B 51 9.50 13.42 -1.17
C HIS B 51 8.63 13.93 -2.31
N GLY B 52 8.66 15.24 -2.53
CA GLY B 52 7.77 15.88 -3.49
C GLY B 52 8.19 15.62 -4.92
N VAL B 53 7.89 14.42 -5.38
CA VAL B 53 8.20 13.98 -6.73
C VAL B 53 7.96 12.48 -6.82
N CYS B 54 7.57 12.01 -7.99
CA CYS B 54 7.33 10.60 -8.21
C CYS B 54 8.39 10.04 -9.13
N MET A 1 11.17 9.35 -10.05
CA MET A 1 9.85 9.01 -10.63
C MET A 1 9.30 7.74 -10.02
N LYS A 2 7.98 7.57 -10.13
CA LYS A 2 7.30 6.41 -9.57
C LYS A 2 7.07 5.36 -10.63
N SER A 3 6.55 4.22 -10.21
CA SER A 3 6.13 3.19 -11.13
C SER A 3 4.72 3.47 -11.60
N ILE A 4 3.83 3.66 -10.65
CA ILE A 4 2.43 3.92 -10.96
C ILE A 4 2.20 5.41 -11.11
N GLY A 5 2.93 6.18 -10.30
CA GLY A 5 2.80 7.63 -10.33
C GLY A 5 1.44 8.07 -9.86
N VAL A 6 0.94 7.42 -8.83
CA VAL A 6 -0.38 7.72 -8.30
C VAL A 6 -0.33 7.96 -6.81
N VAL A 7 -1.15 8.90 -6.37
CA VAL A 7 -1.26 9.25 -4.98
C VAL A 7 -2.73 9.18 -4.55
N ARG A 8 -2.96 8.65 -3.36
CA ARG A 8 -4.30 8.43 -2.88
C ARG A 8 -4.55 9.30 -1.67
N LYS A 9 -5.79 9.67 -1.47
CA LYS A 9 -6.18 10.35 -0.27
C LYS A 9 -7.01 9.41 0.60
N VAL A 10 -6.55 9.21 1.82
CA VAL A 10 -7.16 8.27 2.77
C VAL A 10 -8.65 8.52 2.94
N ASP A 11 -9.40 7.44 3.14
CA ASP A 11 -10.83 7.52 3.44
C ASP A 11 -11.04 8.34 4.70
N GLU A 12 -10.79 7.72 5.85
CA GLU A 12 -10.77 8.38 7.16
C GLU A 12 -9.95 7.52 8.10
N LEU A 13 -10.23 6.22 8.04
CA LEU A 13 -9.58 5.23 8.87
C LEU A 13 -8.14 5.01 8.42
N GLY A 14 -7.95 4.99 7.11
CA GLY A 14 -6.69 4.59 6.53
C GLY A 14 -6.90 3.84 5.23
N ARG A 15 -8.17 3.63 4.90
CA ARG A 15 -8.53 2.87 3.71
C ARG A 15 -8.27 3.69 2.46
N ILE A 16 -7.57 3.11 1.50
CA ILE A 16 -7.33 3.78 0.22
C ILE A 16 -7.51 2.78 -0.92
N VAL A 17 -7.31 3.22 -2.15
CA VAL A 17 -7.55 2.35 -3.28
C VAL A 17 -6.25 2.02 -3.98
N MET A 18 -5.92 0.73 -4.02
CA MET A 18 -4.79 0.26 -4.80
C MET A 18 -5.25 0.05 -6.23
N PRO A 19 -4.37 0.21 -7.21
CA PRO A 19 -4.76 0.18 -8.60
C PRO A 19 -4.73 -1.21 -9.23
N ILE A 20 -5.34 -1.31 -10.40
CA ILE A 20 -5.25 -2.50 -11.23
C ILE A 20 -3.80 -2.94 -11.39
N GLU A 21 -2.89 -1.95 -11.44
CA GLU A 21 -1.47 -2.20 -11.53
C GLU A 21 -1.02 -3.14 -10.42
N LEU A 22 -1.60 -2.94 -9.24
CA LEU A 22 -1.27 -3.74 -8.09
C LEU A 22 -1.75 -5.16 -8.30
N ARG A 23 -2.97 -5.29 -8.80
CA ARG A 23 -3.52 -6.62 -9.06
C ARG A 23 -2.69 -7.35 -10.10
N ARG A 24 -2.38 -6.66 -11.18
CA ARG A 24 -1.59 -7.20 -12.28
C ARG A 24 -0.19 -7.58 -11.83
N ALA A 25 0.50 -6.66 -11.18
CA ALA A 25 1.83 -6.91 -10.65
C ALA A 25 1.84 -8.14 -9.76
N LEU A 26 0.83 -8.23 -8.92
CA LEU A 26 0.73 -9.29 -7.94
C LEU A 26 -0.01 -10.49 -8.50
N ASP A 27 -1.30 -10.59 -8.18
CA ASP A 27 -2.11 -11.73 -8.61
C ASP A 27 -3.56 -11.50 -8.22
N ILE A 28 -3.92 -10.24 -7.96
CA ILE A 28 -5.23 -9.93 -7.37
C ILE A 28 -6.34 -10.16 -8.38
N ALA A 29 -7.33 -10.93 -7.98
CA ALA A 29 -8.49 -11.17 -8.84
C ALA A 29 -9.67 -10.31 -8.40
N ILE A 30 -9.94 -10.34 -7.10
CA ILE A 30 -11.02 -9.53 -6.55
C ILE A 30 -10.72 -9.17 -5.10
N LYS A 31 -10.13 -10.10 -4.36
CA LYS A 31 -9.73 -9.84 -2.97
C LYS A 31 -8.27 -10.24 -2.77
N ASP A 32 -7.92 -11.39 -3.34
CA ASP A 32 -6.55 -11.91 -3.37
C ASP A 32 -5.90 -12.00 -1.98
N SER A 33 -5.05 -11.02 -1.61
CA SER A 33 -4.30 -10.95 -0.32
C SER A 33 -3.19 -9.92 -0.42
N ILE A 34 -3.19 -8.90 0.41
CA ILE A 34 -2.10 -7.91 0.39
C ILE A 34 -1.61 -7.64 1.80
N GLU A 35 -0.34 -7.91 2.04
CA GLU A 35 0.25 -7.83 3.37
C GLU A 35 1.35 -6.76 3.39
N PHE A 36 1.28 -5.83 4.34
CA PHE A 36 2.12 -4.63 4.28
C PHE A 36 3.25 -4.61 5.32
N PHE A 37 4.31 -3.90 4.95
CA PHE A 37 5.48 -3.63 5.77
C PHE A 37 5.63 -2.13 5.89
N VAL A 38 6.31 -1.67 6.91
CA VAL A 38 6.60 -0.25 7.02
C VAL A 38 8.06 -0.01 7.36
N ASP A 39 8.69 0.82 6.56
CA ASP A 39 10.11 1.10 6.71
C ASP A 39 10.34 2.59 6.85
N GLY A 40 10.41 3.05 8.09
CA GLY A 40 10.59 4.47 8.34
C GLY A 40 9.41 5.30 7.85
N ASP A 41 9.51 5.78 6.62
CA ASP A 41 8.47 6.58 6.00
C ASP A 41 7.97 5.90 4.75
N LYS A 42 8.18 4.60 4.67
CA LYS A 42 7.77 3.83 3.51
C LYS A 42 6.84 2.68 3.91
N ILE A 43 5.98 2.30 2.99
CA ILE A 43 5.11 1.15 3.17
C ILE A 43 5.37 0.14 2.05
N ILE A 44 5.31 -1.13 2.39
CA ILE A 44 5.61 -2.20 1.45
C ILE A 44 4.44 -3.15 1.35
N LEU A 45 4.09 -3.59 0.16
CA LEU A 45 2.96 -4.51 0.02
C LEU A 45 3.38 -5.77 -0.70
N LYS A 46 2.98 -6.91 -0.15
CA LYS A 46 3.27 -8.22 -0.73
C LYS A 46 2.07 -9.12 -0.60
N LYS A 47 1.71 -9.82 -1.66
CA LYS A 47 0.65 -10.82 -1.58
C LYS A 47 1.07 -11.89 -0.59
N TYR A 48 0.10 -12.51 0.08
CA TYR A 48 0.39 -13.45 1.16
C TYR A 48 1.15 -14.67 0.63
N LYS A 49 0.58 -15.29 -0.39
CA LYS A 49 1.13 -16.51 -0.97
C LYS A 49 2.55 -16.32 -1.54
N PRO A 50 2.74 -15.46 -2.58
CA PRO A 50 4.06 -15.26 -3.21
C PRO A 50 5.14 -14.82 -2.22
N HIS A 51 6.33 -15.37 -2.38
CA HIS A 51 7.47 -15.11 -1.51
C HIS A 51 7.31 -15.80 -0.14
N GLY A 52 6.08 -15.94 0.30
CA GLY A 52 5.82 -16.68 1.52
C GLY A 52 5.30 -15.81 2.64
N VAL A 53 5.50 -16.28 3.87
CA VAL A 53 4.99 -15.61 5.05
C VAL A 53 5.77 -14.33 5.33
N CYS A 54 5.21 -13.51 6.22
CA CYS A 54 5.81 -12.25 6.67
C CYS A 54 7.34 -12.30 6.70
N MET B 1 9.76 -11.62 9.55
CA MET B 1 8.36 -11.21 9.74
C MET B 1 8.13 -9.85 9.13
N LYS B 2 6.90 -9.36 9.20
CA LYS B 2 6.58 -8.05 8.68
C LYS B 2 6.53 -7.04 9.81
N SER B 3 6.48 -5.78 9.44
CA SER B 3 6.39 -4.70 10.41
C SER B 3 5.01 -4.69 11.06
N ILE B 4 4.01 -4.70 10.21
CA ILE B 4 2.63 -4.61 10.65
C ILE B 4 2.04 -6.00 10.82
N GLY B 5 2.48 -6.91 9.95
CA GLY B 5 2.02 -8.29 9.99
C GLY B 5 0.54 -8.39 9.72
N VAL B 6 0.04 -7.56 8.82
CA VAL B 6 -1.37 -7.58 8.46
C VAL B 6 -1.52 -7.84 6.96
N VAL B 7 -2.59 -8.52 6.61
CA VAL B 7 -2.91 -8.78 5.22
C VAL B 7 -4.34 -8.33 4.94
N ARG B 8 -4.56 -7.75 3.78
CA ARG B 8 -5.86 -7.21 3.45
C ARG B 8 -6.43 -7.93 2.25
N LYS B 9 -7.73 -8.01 2.20
CA LYS B 9 -8.40 -8.56 1.04
C LYS B 9 -9.05 -7.44 0.27
N VAL B 10 -8.70 -7.33 -1.01
CA VAL B 10 -9.19 -6.26 -1.86
C VAL B 10 -10.71 -6.19 -1.85
N ASP B 11 -11.24 -4.97 -1.85
CA ASP B 11 -12.66 -4.72 -2.00
C ASP B 11 -13.17 -5.41 -3.28
N GLU B 12 -12.88 -4.81 -4.41
CA GLU B 12 -13.15 -5.38 -5.73
C GLU B 12 -12.20 -4.73 -6.72
N LEU B 13 -12.20 -3.41 -6.65
CA LEU B 13 -11.45 -2.55 -7.57
C LEU B 13 -9.96 -2.59 -7.26
N GLY B 14 -9.66 -2.85 -6.00
CA GLY B 14 -8.29 -2.77 -5.53
C GLY B 14 -8.20 -1.98 -4.24
N ARG B 15 -9.34 -1.48 -3.79
CA ARG B 15 -9.42 -0.71 -2.57
C ARG B 15 -9.16 -1.60 -1.35
N ILE B 16 -8.21 -1.21 -0.51
CA ILE B 16 -7.96 -1.93 0.73
C ILE B 16 -7.73 -0.93 1.86
N VAL B 17 -7.47 -1.42 3.06
CA VAL B 17 -7.37 -0.55 4.21
C VAL B 17 -5.94 -0.53 4.75
N MET B 18 -5.32 0.64 4.67
CA MET B 18 -4.02 0.85 5.29
C MET B 18 -4.26 1.13 6.77
N PRO B 19 -3.34 0.72 7.66
CA PRO B 19 -3.60 0.85 9.07
C PRO B 19 -3.15 2.19 9.64
N ILE B 20 -3.62 2.45 10.85
CA ILE B 20 -3.17 3.59 11.63
C ILE B 20 -1.65 3.66 11.66
N GLU B 21 -1.02 2.49 11.60
CA GLU B 21 0.43 2.36 11.55
C GLU B 21 1.01 3.17 10.40
N LEU B 22 0.30 3.15 9.27
CA LEU B 22 0.74 3.89 8.10
C LEU B 22 0.58 5.36 8.37
N ARG B 23 -0.54 5.72 8.97
CA ARG B 23 -0.79 7.10 9.36
C ARG B 23 0.31 7.62 10.29
N ARG B 24 0.58 6.85 11.35
CA ARG B 24 1.65 7.16 12.31
C ARG B 24 2.99 7.28 11.61
N ALA B 25 3.33 6.24 10.87
CA ALA B 25 4.58 6.18 10.12
C ALA B 25 4.82 7.43 9.29
N LEU B 26 3.81 7.78 8.51
CA LEU B 26 3.94 8.87 7.56
C LEU B 26 3.57 10.21 8.19
N ASP B 27 2.28 10.54 8.14
CA ASP B 27 1.80 11.86 8.58
C ASP B 27 0.29 11.96 8.36
N ILE B 28 -0.37 10.79 8.26
CA ILE B 28 -1.76 10.76 7.80
C ILE B 28 -2.70 11.28 8.88
N ALA B 29 -3.40 12.34 8.55
CA ALA B 29 -4.33 12.95 9.48
C ALA B 29 -5.73 12.39 9.28
N ILE B 30 -6.16 12.38 8.03
CA ILE B 30 -7.47 11.83 7.69
C ILE B 30 -7.49 11.41 6.21
N LYS B 31 -6.80 12.17 5.36
CA LYS B 31 -6.66 11.81 3.95
C LYS B 31 -5.19 11.88 3.54
N ASP B 32 -4.52 12.90 4.05
CA ASP B 32 -3.09 13.12 3.87
C ASP B 32 -2.64 13.01 2.41
N SER B 33 -2.05 11.87 2.03
CA SER B 33 -1.44 11.64 0.71
C SER B 33 -0.67 10.32 0.73
N ILE B 34 -0.96 9.39 -0.17
CA ILE B 34 -0.14 8.20 -0.27
C ILE B 34 0.12 7.84 -1.74
N GLU B 35 1.38 7.88 -2.12
CA GLU B 35 1.78 7.64 -3.50
C GLU B 35 2.49 6.29 -3.59
N PHE B 36 2.10 5.45 -4.55
CA PHE B 36 2.63 4.08 -4.56
C PHE B 36 3.55 3.78 -5.75
N PHE B 37 4.44 2.85 -5.48
CA PHE B 37 5.43 2.33 -6.43
C PHE B 37 5.25 0.83 -6.48
N VAL B 38 5.63 0.22 -7.59
CA VAL B 38 5.55 -1.23 -7.70
C VAL B 38 6.86 -1.80 -8.21
N ASP B 39 7.31 -2.85 -7.56
CA ASP B 39 8.61 -3.45 -7.89
C ASP B 39 8.48 -4.95 -7.99
N GLY B 40 8.31 -5.44 -9.21
CA GLY B 40 8.19 -6.87 -9.44
C GLY B 40 6.92 -7.44 -8.83
N ASP B 41 7.01 -7.82 -7.57
CA ASP B 41 5.88 -8.38 -6.85
C ASP B 41 5.67 -7.59 -5.57
N LYS B 42 6.17 -6.36 -5.56
CA LYS B 42 6.10 -5.55 -4.36
C LYS B 42 5.42 -4.21 -4.64
N ILE B 43 4.80 -3.65 -3.61
CA ILE B 43 4.22 -2.32 -3.68
C ILE B 43 4.90 -1.44 -2.64
N ILE B 44 5.04 -0.16 -2.94
CA ILE B 44 5.71 0.78 -2.06
C ILE B 44 4.83 2.01 -1.88
N LEU B 45 4.71 2.52 -0.66
CA LEU B 45 3.87 3.69 -0.42
C LEU B 45 4.66 4.79 0.28
N LYS B 46 4.43 6.01 -0.16
CA LYS B 46 5.09 7.18 0.40
C LYS B 46 4.14 8.38 0.37
N LYS B 47 4.05 9.11 1.47
CA LYS B 47 3.28 10.35 1.50
C LYS B 47 3.91 11.33 0.50
N TYR B 48 3.06 12.12 -0.16
CA TYR B 48 3.51 12.93 -1.30
C TYR B 48 4.58 13.94 -0.89
N LYS B 49 4.30 14.65 0.19
CA LYS B 49 5.18 15.72 0.66
C LYS B 49 6.57 15.23 1.09
N PRO B 50 6.68 14.30 2.08
CA PRO B 50 7.99 13.79 2.54
C PRO B 50 8.76 13.13 1.41
N HIS B 51 10.08 13.35 1.39
CA HIS B 51 10.99 12.85 0.35
C HIS B 51 10.83 13.65 -0.95
N GLY B 52 9.61 14.06 -1.24
CA GLY B 52 9.36 14.87 -2.41
C GLY B 52 8.52 14.16 -3.44
N VAL B 53 8.56 14.68 -4.67
CA VAL B 53 7.80 14.10 -5.77
C VAL B 53 8.29 12.69 -6.09
N CYS B 54 7.48 11.98 -6.87
CA CYS B 54 7.77 10.62 -7.31
C CYS B 54 9.25 10.40 -7.63
N MET A 1 6.84 10.65 -12.15
CA MET A 1 6.66 10.48 -10.69
C MET A 1 6.45 9.00 -10.38
N LYS A 2 7.43 8.40 -9.69
CA LYS A 2 7.33 7.02 -9.23
C LYS A 2 7.14 6.02 -10.36
N SER A 3 6.87 4.78 -9.96
CA SER A 3 6.60 3.71 -10.89
C SER A 3 5.15 3.74 -11.34
N ILE A 4 4.24 3.86 -10.38
CA ILE A 4 2.82 3.96 -10.68
C ILE A 4 2.43 5.42 -10.81
N GLY A 5 3.02 6.24 -9.94
CA GLY A 5 2.78 7.67 -9.99
C GLY A 5 1.38 8.05 -9.57
N VAL A 6 0.79 7.23 -8.72
CA VAL A 6 -0.56 7.47 -8.27
C VAL A 6 -0.59 7.70 -6.76
N VAL A 7 -1.39 8.69 -6.37
CA VAL A 7 -1.52 9.10 -4.99
C VAL A 7 -2.98 9.00 -4.57
N ARG A 8 -3.21 8.62 -3.32
CA ARG A 8 -4.55 8.44 -2.80
C ARG A 8 -4.76 9.29 -1.57
N LYS A 9 -5.99 9.70 -1.37
CA LYS A 9 -6.36 10.37 -0.15
C LYS A 9 -7.16 9.42 0.73
N VAL A 10 -6.63 9.15 1.91
CA VAL A 10 -7.23 8.21 2.85
C VAL A 10 -8.72 8.49 3.08
N ASP A 11 -9.50 7.42 3.22
CA ASP A 11 -10.90 7.51 3.59
C ASP A 11 -11.05 8.33 4.87
N GLU A 12 -10.79 7.67 5.99
CA GLU A 12 -10.80 8.28 7.33
C GLU A 12 -10.01 7.36 8.24
N LEU A 13 -10.32 6.08 8.10
CA LEU A 13 -9.69 5.02 8.87
C LEU A 13 -8.27 4.74 8.37
N GLY A 14 -8.10 4.93 7.07
CA GLY A 14 -6.84 4.55 6.44
C GLY A 14 -7.09 3.81 5.14
N ARG A 15 -8.37 3.61 4.81
CA ARG A 15 -8.72 2.88 3.59
C ARG A 15 -8.44 3.72 2.36
N ILE A 16 -7.72 3.14 1.41
CA ILE A 16 -7.46 3.82 0.14
C ILE A 16 -7.68 2.84 -1.00
N VAL A 17 -7.47 3.28 -2.22
CA VAL A 17 -7.72 2.43 -3.38
C VAL A 17 -6.42 2.12 -4.11
N MET A 18 -6.03 0.85 -4.04
CA MET A 18 -4.87 0.38 -4.79
C MET A 18 -5.32 0.07 -6.21
N PRO A 19 -4.43 0.21 -7.20
CA PRO A 19 -4.80 0.11 -8.59
C PRO A 19 -4.74 -1.31 -9.14
N ILE A 20 -5.33 -1.49 -10.31
CA ILE A 20 -5.24 -2.74 -11.04
C ILE A 20 -3.78 -3.13 -11.25
N GLU A 21 -2.92 -2.11 -11.36
CA GLU A 21 -1.48 -2.34 -11.54
C GLU A 21 -0.91 -3.10 -10.37
N LEU A 22 -1.51 -2.90 -9.20
CA LEU A 22 -1.10 -3.63 -8.01
C LEU A 22 -1.56 -5.07 -8.11
N ARG A 23 -2.82 -5.25 -8.50
CA ARG A 23 -3.36 -6.60 -8.64
C ARG A 23 -2.57 -7.39 -9.68
N ARG A 24 -2.30 -6.76 -10.81
CA ARG A 24 -1.52 -7.34 -11.89
C ARG A 24 -0.10 -7.64 -11.46
N ALA A 25 0.58 -6.65 -10.89
CA ALA A 25 1.94 -6.83 -10.38
C ALA A 25 2.02 -8.01 -9.44
N LEU A 26 1.02 -8.11 -8.58
CA LEU A 26 1.01 -9.12 -7.53
C LEU A 26 0.39 -10.43 -8.01
N ASP A 27 -0.91 -10.57 -7.85
CA ASP A 27 -1.60 -11.84 -8.09
C ASP A 27 -3.09 -11.73 -7.76
N ILE A 28 -3.54 -10.49 -7.57
CA ILE A 28 -4.88 -10.25 -7.04
C ILE A 28 -5.94 -10.43 -8.12
N ALA A 29 -7.02 -11.12 -7.77
CA ALA A 29 -8.12 -11.31 -8.71
C ALA A 29 -9.27 -10.37 -8.40
N ILE A 30 -9.67 -10.31 -7.14
CA ILE A 30 -10.74 -9.41 -6.73
C ILE A 30 -10.54 -9.01 -5.27
N LYS A 31 -10.16 -9.97 -4.43
CA LYS A 31 -9.85 -9.70 -3.03
C LYS A 31 -8.44 -10.17 -2.72
N ASP A 32 -8.15 -11.37 -3.20
CA ASP A 32 -6.85 -12.01 -3.03
C ASP A 32 -6.35 -11.99 -1.58
N SER A 33 -5.29 -11.20 -1.30
CA SER A 33 -4.55 -11.21 0.00
C SER A 33 -3.34 -10.31 -0.13
N ILE A 34 -3.34 -9.15 0.49
CA ILE A 34 -2.17 -8.28 0.39
C ILE A 34 -1.71 -7.81 1.74
N GLU A 35 -0.45 -8.04 2.01
CA GLU A 35 0.10 -7.85 3.33
C GLU A 35 1.23 -6.83 3.27
N PHE A 36 1.25 -5.92 4.24
CA PHE A 36 2.11 -4.75 4.16
C PHE A 36 3.25 -4.78 5.18
N PHE A 37 4.34 -4.14 4.80
CA PHE A 37 5.52 -3.96 5.63
C PHE A 37 5.71 -2.47 5.80
N VAL A 38 6.33 -2.05 6.87
CA VAL A 38 6.64 -0.64 7.02
C VAL A 38 8.13 -0.44 7.27
N ASP A 39 8.74 0.29 6.35
CA ASP A 39 10.17 0.54 6.38
C ASP A 39 10.44 1.98 6.74
N GLY A 40 10.64 2.24 8.02
CA GLY A 40 10.88 3.60 8.50
C GLY A 40 9.72 4.53 8.19
N ASP A 41 9.73 5.10 6.99
CA ASP A 41 8.71 6.04 6.56
C ASP A 41 8.15 5.58 5.23
N LYS A 42 8.20 4.28 5.01
CA LYS A 42 7.74 3.67 3.78
C LYS A 42 6.85 2.47 4.07
N ILE A 43 5.99 2.14 3.12
CA ILE A 43 5.12 0.98 3.24
C ILE A 43 5.38 0.03 2.08
N ILE A 44 5.29 -1.25 2.35
CA ILE A 44 5.57 -2.29 1.37
C ILE A 44 4.35 -3.19 1.24
N LEU A 45 3.98 -3.60 0.04
CA LEU A 45 2.86 -4.51 -0.13
C LEU A 45 3.25 -5.71 -0.93
N LYS A 46 2.80 -6.88 -0.49
CA LYS A 46 2.98 -8.11 -1.23
C LYS A 46 1.93 -9.12 -0.82
N LYS A 47 1.55 -9.97 -1.76
CA LYS A 47 0.51 -10.98 -1.53
C LYS A 47 0.95 -11.94 -0.44
N TYR A 48 -0.01 -12.51 0.27
CA TYR A 48 0.28 -13.34 1.44
C TYR A 48 0.87 -14.69 1.03
N LYS A 49 0.15 -15.38 0.15
CA LYS A 49 0.48 -16.75 -0.24
C LYS A 49 1.94 -16.91 -0.71
N PRO A 50 2.45 -16.03 -1.59
CA PRO A 50 3.89 -16.00 -1.89
C PRO A 50 4.68 -15.48 -0.70
N HIS A 51 5.09 -16.39 0.17
CA HIS A 51 5.76 -16.02 1.41
C HIS A 51 7.11 -16.73 1.54
N GLY A 52 7.70 -16.63 2.71
CA GLY A 52 9.03 -17.13 2.93
C GLY A 52 9.84 -16.09 3.66
N VAL A 53 10.19 -15.04 2.95
CA VAL A 53 10.67 -13.83 3.60
C VAL A 53 9.55 -12.81 3.66
N CYS A 54 9.22 -12.43 4.88
CA CYS A 54 8.06 -11.60 5.18
C CYS A 54 7.85 -11.57 6.68
N MET B 1 6.12 -12.78 9.56
CA MET B 1 4.96 -11.98 10.01
C MET B 1 5.13 -10.50 9.70
N LYS B 2 6.12 -10.17 8.86
CA LYS B 2 6.32 -8.81 8.36
C LYS B 2 6.53 -7.79 9.49
N SER B 3 6.50 -6.53 9.12
CA SER B 3 6.65 -5.43 10.07
C SER B 3 5.29 -5.08 10.68
N ILE B 4 4.29 -4.93 9.83
CA ILE B 4 2.94 -4.66 10.29
C ILE B 4 2.20 -5.97 10.49
N GLY B 5 2.51 -6.92 9.60
CA GLY B 5 1.95 -8.26 9.70
C GLY B 5 0.47 -8.31 9.44
N VAL B 6 -0.02 -7.34 8.69
CA VAL B 6 -1.45 -7.30 8.39
C VAL B 6 -1.70 -7.50 6.90
N VAL B 7 -2.70 -8.30 6.60
CA VAL B 7 -3.05 -8.62 5.23
C VAL B 7 -4.48 -8.20 4.95
N ARG B 8 -4.73 -7.65 3.77
CA ARG B 8 -6.01 -7.10 3.44
C ARG B 8 -6.61 -7.84 2.27
N LYS B 9 -7.91 -7.96 2.28
CA LYS B 9 -8.62 -8.48 1.14
C LYS B 9 -9.19 -7.33 0.34
N VAL B 10 -8.79 -7.27 -0.92
CA VAL B 10 -9.19 -6.19 -1.80
C VAL B 10 -10.71 -6.10 -1.90
N ASP B 11 -11.21 -4.86 -1.91
CA ASP B 11 -12.63 -4.59 -2.10
C ASP B 11 -13.14 -5.30 -3.34
N GLU B 12 -12.94 -4.68 -4.49
CA GLU B 12 -13.29 -5.24 -5.80
C GLU B 12 -12.42 -4.57 -6.85
N LEU B 13 -12.32 -3.25 -6.72
CA LEU B 13 -11.53 -2.43 -7.62
C LEU B 13 -10.05 -2.55 -7.28
N GLY B 14 -9.78 -2.69 -5.99
CA GLY B 14 -8.41 -2.65 -5.51
C GLY B 14 -8.32 -1.85 -4.21
N ARG B 15 -9.46 -1.38 -3.75
CA ARG B 15 -9.51 -0.57 -2.52
C ARG B 15 -9.31 -1.47 -1.31
N ILE B 16 -8.37 -1.10 -0.44
CA ILE B 16 -8.12 -1.84 0.79
C ILE B 16 -7.95 -0.86 1.94
N VAL B 17 -7.71 -1.37 3.14
CA VAL B 17 -7.58 -0.51 4.31
C VAL B 17 -6.14 -0.50 4.81
N MET B 18 -5.50 0.65 4.68
CA MET B 18 -4.18 0.87 5.26
C MET B 18 -4.37 1.17 6.74
N PRO B 19 -3.44 0.76 7.61
CA PRO B 19 -3.63 0.90 9.03
C PRO B 19 -3.12 2.23 9.57
N ILE B 20 -3.55 2.53 10.79
CA ILE B 20 -3.06 3.66 11.54
C ILE B 20 -1.53 3.67 11.55
N GLU B 21 -0.94 2.48 11.53
CA GLU B 21 0.50 2.31 11.49
C GLU B 21 1.09 3.09 10.33
N LEU B 22 0.40 3.05 9.19
CA LEU B 22 0.82 3.73 7.99
C LEU B 22 0.68 5.22 8.18
N ARG B 23 -0.45 5.61 8.76
CA ARG B 23 -0.70 7.02 9.04
C ARG B 23 0.37 7.61 9.94
N ARG B 24 0.65 6.89 11.02
CA ARG B 24 1.72 7.24 11.94
C ARG B 24 3.08 7.28 11.25
N ALA B 25 3.40 6.19 10.54
CA ALA B 25 4.64 6.07 9.80
C ALA B 25 4.92 7.28 8.91
N LEU B 26 3.94 7.62 8.10
CA LEU B 26 4.11 8.68 7.13
C LEU B 26 3.81 10.05 7.74
N ASP B 27 2.59 10.54 7.51
CA ASP B 27 2.18 11.87 7.95
C ASP B 27 0.67 12.00 7.94
N ILE B 28 -0.03 10.87 7.88
CA ILE B 28 -1.45 10.88 7.52
C ILE B 28 -2.29 11.49 8.65
N ALA B 29 -3.09 12.48 8.28
CA ALA B 29 -3.96 13.14 9.23
C ALA B 29 -5.36 12.55 9.17
N ILE B 30 -5.87 12.36 7.95
CA ILE B 30 -7.18 11.77 7.74
C ILE B 30 -7.31 11.35 6.27
N LYS B 31 -6.73 12.14 5.38
CA LYS B 31 -6.64 11.77 3.97
C LYS B 31 -5.20 11.87 3.51
N ASP B 32 -4.58 12.97 3.91
CA ASP B 32 -3.16 13.23 3.68
C ASP B 32 -2.76 13.15 2.21
N SER B 33 -2.08 12.06 1.83
CA SER B 33 -1.47 11.89 0.50
C SER B 33 -0.68 10.59 0.51
N ILE B 34 -1.09 9.58 -0.22
CA ILE B 34 -0.30 8.36 -0.28
C ILE B 34 -0.02 7.98 -1.72
N GLU B 35 1.24 8.01 -2.10
CA GLU B 35 1.61 7.72 -3.46
C GLU B 35 2.41 6.42 -3.50
N PHE B 36 2.06 5.52 -4.42
CA PHE B 36 2.65 4.19 -4.42
C PHE B 36 3.58 3.95 -5.60
N PHE B 37 4.56 3.08 -5.36
CA PHE B 37 5.56 2.64 -6.32
C PHE B 37 5.49 1.13 -6.41
N VAL B 38 5.72 0.58 -7.57
CA VAL B 38 5.72 -0.88 -7.68
C VAL B 38 7.10 -1.39 -8.05
N ASP B 39 7.59 -2.29 -7.22
CA ASP B 39 8.92 -2.85 -7.38
C ASP B 39 8.80 -4.31 -7.80
N GLY B 40 8.82 -4.54 -9.11
CA GLY B 40 8.67 -5.89 -9.63
C GLY B 40 7.36 -6.55 -9.25
N ASP B 41 7.35 -7.14 -8.06
CA ASP B 41 6.18 -7.86 -7.55
C ASP B 41 5.83 -7.31 -6.18
N LYS B 42 6.24 -6.08 -5.94
CA LYS B 42 6.08 -5.45 -4.63
C LYS B 42 5.51 -4.04 -4.77
N ILE B 43 4.90 -3.54 -3.72
CA ILE B 43 4.32 -2.21 -3.72
C ILE B 43 4.98 -1.37 -2.63
N ILE B 44 5.12 -0.07 -2.88
CA ILE B 44 5.76 0.85 -1.96
C ILE B 44 4.87 2.06 -1.76
N LEU B 45 4.67 2.51 -0.53
CA LEU B 45 3.79 3.64 -0.28
C LEU B 45 4.49 4.71 0.52
N LYS B 46 4.33 5.96 0.11
CA LYS B 46 4.87 7.09 0.84
C LYS B 46 4.04 8.34 0.55
N LYS B 47 4.05 9.27 1.48
CA LYS B 47 3.28 10.51 1.34
C LYS B 47 3.83 11.33 0.16
N TYR B 48 2.96 12.11 -0.47
CA TYR B 48 3.32 12.84 -1.68
C TYR B 48 4.22 14.04 -1.38
N LYS B 49 3.77 14.87 -0.45
CA LYS B 49 4.48 16.10 -0.08
C LYS B 49 5.99 15.89 0.11
N PRO B 50 6.44 14.94 0.96
CA PRO B 50 7.86 14.62 1.06
C PRO B 50 8.37 13.90 -0.19
N HIS B 51 8.74 14.67 -1.19
CA HIS B 51 9.23 14.08 -2.44
C HIS B 51 10.55 14.71 -2.86
N GLY B 52 10.98 14.32 -4.05
CA GLY B 52 12.32 14.61 -4.51
C GLY B 52 12.83 13.38 -5.19
N VAL B 53 13.00 12.36 -4.39
CA VAL B 53 13.09 11.00 -4.88
C VAL B 53 11.67 10.47 -4.99
N CYS B 54 11.41 9.68 -6.01
CA CYS B 54 10.07 9.18 -6.29
C CYS B 54 9.57 8.27 -5.18
#